data_4CL6
#
_entry.id   4CL6
#
_cell.length_a   115.610
_cell.length_b   142.870
_cell.length_c   77.850
_cell.angle_alpha   90.00
_cell.angle_beta   116.47
_cell.angle_gamma   90.00
#
_symmetry.space_group_name_H-M   'C 1 2 1'
#
loop_
_entity.id
_entity.type
_entity.pdbx_description
1 polymer '3-HYDROXYDECANOYL-[ACYL-CARRIER-PROTEIN] DEHYDRATASE'
2 non-polymer N-(4-chlorobenzyl)-5-(furan-2-yl)-1H-1,2,4-triazol-3-amine
3 water water
#
_entity_poly.entity_id   1
_entity_poly.type   'polypeptide(L)'
_entity_poly.pdbx_seq_one_letter_code
;MTKQHAFTREDLLRCSRGELFGPGNAQLPAPNMLMIDRIVHISDVGGKYGKGELVAELDINPDLWFFACHFEGDPVMPGC
LGLDAMWQLVGFYLGWQGNPGRGRALGSGEVKFFGQVLPTAKKVTYNIHIKRTINRSLVLAIADGTVSVDGREIYSAEGL
RVGLFTSTDSF
;
_entity_poly.pdbx_strand_id   A,B,C,D,E
#
# COMPACT_ATOMS: atom_id res chain seq x y z
N THR A 2 -28.41 13.22 -8.68
CA THR A 2 -27.63 14.42 -9.11
C THR A 2 -28.48 15.68 -8.95
N LYS A 3 -29.79 15.50 -8.78
CA LYS A 3 -30.68 16.64 -8.72
C LYS A 3 -30.73 17.23 -7.30
N GLN A 4 -30.54 16.40 -6.28
CA GLN A 4 -30.69 16.88 -4.90
C GLN A 4 -29.32 17.10 -4.25
N HIS A 5 -29.14 18.23 -3.56
CA HIS A 5 -27.80 18.64 -3.13
C HIS A 5 -27.63 18.68 -1.63
N ALA A 6 -28.61 18.13 -0.92
CA ALA A 6 -28.51 18.00 0.51
C ALA A 6 -29.42 16.89 1.01
N PHE A 7 -28.98 16.20 2.06
CA PHE A 7 -29.73 15.05 2.59
C PHE A 7 -29.85 15.09 4.11
N THR A 8 -31.03 14.82 4.62
CA THR A 8 -31.25 14.79 6.05
C THR A 8 -30.90 13.43 6.60
N ARG A 9 -30.84 13.31 7.92
CA ARG A 9 -30.64 12.00 8.53
C ARG A 9 -31.66 10.97 8.06
N GLU A 10 -32.91 11.36 7.95
CA GLU A 10 -33.96 10.42 7.51
C GLU A 10 -33.75 9.97 6.07
N ASP A 11 -33.15 10.80 5.22
CA ASP A 11 -32.77 10.40 3.88
C ASP A 11 -31.67 9.35 3.95
N LEU A 12 -30.77 9.55 4.88
CA LEU A 12 -29.63 8.66 5.00
C LEU A 12 -30.09 7.31 5.54
N LEU A 13 -30.99 7.34 6.50
CA LEU A 13 -31.58 6.10 6.99
C LEU A 13 -32.30 5.38 5.85
N ARG A 14 -33.02 6.12 5.03
CA ARG A 14 -33.75 5.53 3.89
C ARG A 14 -32.75 4.89 2.94
N CYS A 15 -31.67 5.59 2.69
CA CYS A 15 -30.54 5.05 1.94
C CYS A 15 -30.03 3.74 2.54
N SER A 16 -29.89 3.71 3.86
CA SER A 16 -29.41 2.51 4.54
C SER A 16 -30.35 1.29 4.36
N ARG A 17 -31.62 1.55 4.11
CA ARG A 17 -32.55 0.47 3.89
C ARG A 17 -32.63 0.05 2.43
N GLY A 18 -31.85 0.68 1.56
CA GLY A 18 -31.91 0.40 0.12
C GLY A 18 -32.97 1.19 -0.62
N GLU A 19 -33.59 2.14 0.08
CA GLU A 19 -34.80 2.78 -0.41
C GLU A 19 -34.54 4.16 -1.03
N LEU A 20 -33.30 4.59 -1.07
CA LEU A 20 -32.99 5.86 -1.72
C LEU A 20 -32.57 5.62 -3.15
N PHE A 21 -31.58 4.76 -3.33
CA PHE A 21 -31.04 4.48 -4.67
C PHE A 21 -31.62 3.23 -5.30
N GLY A 22 -32.39 2.47 -4.52
CA GLY A 22 -33.08 1.32 -5.08
C GLY A 22 -32.35 0.03 -4.81
N PRO A 23 -33.02 -1.09 -5.07
CA PRO A 23 -32.45 -2.41 -4.75
C PRO A 23 -31.26 -2.77 -5.65
N GLY A 24 -30.23 -3.39 -5.09
CA GLY A 24 -29.02 -3.70 -5.83
C GLY A 24 -28.01 -2.57 -5.89
N ASN A 25 -28.36 -1.39 -5.36
CA ASN A 25 -27.53 -0.20 -5.47
C ASN A 25 -27.06 0.26 -4.10
N ALA A 26 -26.31 1.35 -4.06
CA ALA A 26 -25.51 1.67 -2.89
C ALA A 26 -26.37 1.87 -1.63
N GLN A 27 -25.87 1.34 -0.51
CA GLN A 27 -26.49 1.52 0.81
C GLN A 27 -25.45 2.01 1.75
N LEU A 28 -25.74 3.09 2.42
CA LEU A 28 -25.02 3.41 3.64
C LEU A 28 -25.24 2.34 4.69
N PRO A 29 -24.32 2.25 5.64
CA PRO A 29 -24.60 1.49 6.85
C PRO A 29 -25.76 2.09 7.63
N ALA A 30 -26.49 1.24 8.33
CA ALA A 30 -27.37 1.69 9.38
C ALA A 30 -26.57 1.88 10.67
N PRO A 31 -27.18 2.55 11.65
CA PRO A 31 -26.60 2.60 12.99
C PRO A 31 -26.40 1.18 13.50
N ASN A 32 -25.27 0.90 14.15
CA ASN A 32 -24.41 1.93 14.67
C ASN A 32 -23.14 2.13 13.88
N MET A 33 -23.11 1.65 12.63
CA MET A 33 -21.92 1.88 11.77
C MET A 33 -22.04 3.18 10.97
N LEU A 34 -23.26 3.73 10.88
CA LEU A 34 -23.46 4.98 10.16
C LEU A 34 -22.72 6.12 10.86
N MET A 35 -21.83 6.80 10.16
CA MET A 35 -21.01 7.84 10.82
C MET A 35 -21.29 9.24 10.29
N ILE A 36 -22.48 9.42 9.70
CA ILE A 36 -22.97 10.69 9.17
C ILE A 36 -24.41 10.95 9.59
N ASP A 37 -24.71 12.16 10.03
CA ASP A 37 -26.06 12.54 10.38
C ASP A 37 -26.73 13.25 9.22
N ARG A 38 -25.97 14.06 8.51
CA ARG A 38 -26.52 14.78 7.37
C ARG A 38 -25.48 15.12 6.34
N ILE A 39 -25.92 15.23 5.11
CA ILE A 39 -25.08 15.78 4.06
C ILE A 39 -25.59 17.19 3.80
N VAL A 40 -24.72 18.15 4.07
CA VAL A 40 -25.06 19.56 3.96
C VAL A 40 -24.91 20.03 2.51
N HIS A 41 -24.02 19.40 1.77
CA HIS A 41 -23.75 19.83 0.38
C HIS A 41 -23.11 18.68 -0.38
N ILE A 42 -23.68 18.37 -1.52
CA ILE A 42 -23.10 17.41 -2.43
C ILE A 42 -23.34 17.92 -3.86
N SER A 43 -22.28 17.91 -4.66
CA SER A 43 -22.32 18.43 -6.03
C SER A 43 -21.33 17.68 -6.85
N ASP A 44 -21.47 17.72 -8.17
CA ASP A 44 -20.49 17.06 -9.05
C ASP A 44 -19.69 18.07 -9.85
N VAL A 45 -19.89 19.34 -9.55
CA VAL A 45 -18.94 20.36 -9.96
C VAL A 45 -18.30 20.99 -8.72
N GLY A 46 -17.28 21.82 -8.94
CA GLY A 46 -16.62 22.51 -7.84
C GLY A 46 -15.75 21.52 -7.11
N GLY A 47 -15.45 21.83 -5.85
CA GLY A 47 -14.45 21.12 -5.11
C GLY A 47 -13.02 21.47 -5.48
N LYS A 48 -12.07 20.90 -4.74
CA LYS A 48 -10.66 21.19 -4.89
C LYS A 48 -10.18 20.86 -6.31
N TYR A 49 -10.80 19.87 -6.95
CA TYR A 49 -10.31 19.41 -8.24
C TYR A 49 -11.26 19.71 -9.35
N GLY A 50 -12.36 20.38 -9.04
CA GLY A 50 -13.36 20.71 -10.07
C GLY A 50 -14.21 19.54 -10.48
N LYS A 51 -14.17 18.45 -9.71
CA LYS A 51 -14.89 17.24 -10.07
C LYS A 51 -15.92 16.84 -9.02
N GLY A 52 -16.29 17.78 -8.17
CA GLY A 52 -17.30 17.56 -7.16
C GLY A 52 -16.80 17.55 -5.72
N GLU A 53 -17.75 17.56 -4.78
CA GLU A 53 -17.49 17.90 -3.40
C GLU A 53 -18.61 17.34 -2.52
N LEU A 54 -18.29 16.92 -1.31
CA LEU A 54 -19.30 16.64 -0.30
C LEU A 54 -18.90 17.30 0.98
N VAL A 55 -19.88 17.90 1.66
CA VAL A 55 -19.71 18.35 3.04
C VAL A 55 -20.79 17.69 3.85
N ALA A 56 -20.39 17.05 4.94
CA ALA A 56 -21.32 16.31 5.80
C ALA A 56 -21.00 16.51 7.28
N GLU A 57 -21.94 16.14 8.14
CA GLU A 57 -21.79 16.40 9.56
C GLU A 57 -22.20 15.19 10.39
N LEU A 58 -21.51 15.02 11.52
CA LEU A 58 -21.93 14.10 12.55
C LEU A 58 -22.01 14.85 13.86
N ASP A 59 -23.18 14.86 14.49
CA ASP A 59 -23.33 15.47 15.83
C ASP A 59 -22.70 14.59 16.90
N ILE A 60 -22.05 15.24 17.88
CA ILE A 60 -21.37 14.52 18.95
C ILE A 60 -22.07 14.84 20.27
N ASN A 61 -22.26 13.82 21.10
CA ASN A 61 -22.59 14.01 22.48
C ASN A 61 -21.94 12.88 23.27
N PRO A 62 -21.87 13.02 24.61
CA PRO A 62 -21.09 12.08 25.43
C PRO A 62 -21.63 10.66 25.49
N ASP A 63 -22.89 10.48 25.06
CA ASP A 63 -23.54 9.16 25.15
C ASP A 63 -23.44 8.31 23.88
N LEU A 64 -22.82 8.84 22.84
CA LEU A 64 -22.52 8.00 21.69
C LEU A 64 -21.82 6.70 22.15
N TRP A 65 -22.23 5.57 21.58
CA TRP A 65 -21.90 4.25 22.12
C TRP A 65 -20.40 4.03 22.17
N PHE A 66 -19.67 4.55 21.20
CA PHE A 66 -18.25 4.18 21.11
C PHE A 66 -17.41 4.82 22.22
N PHE A 67 -17.94 5.83 22.89
CA PHE A 67 -17.15 6.55 23.88
C PHE A 67 -16.89 5.68 25.10
N ALA A 68 -17.86 4.86 25.49
CA ALA A 68 -17.75 4.10 26.73
C ALA A 68 -16.74 2.97 26.65
N CYS A 69 -16.60 2.39 25.46
CA CYS A 69 -15.71 1.23 25.29
C CYS A 69 -14.36 1.61 24.65
N HIS A 70 -14.18 2.89 24.30
CA HIS A 70 -13.02 3.29 23.51
C HIS A 70 -12.49 4.67 23.92
N PHE A 71 -11.62 4.76 24.93
CA PHE A 71 -11.20 3.70 25.81
C PHE A 71 -11.79 3.93 27.21
N GLU A 72 -11.87 2.87 28.01
CA GLU A 72 -12.36 3.04 29.38
C GLU A 72 -11.46 4.03 30.10
N GLY A 73 -12.03 5.09 30.64
CA GLY A 73 -11.27 6.12 31.38
C GLY A 73 -10.65 7.17 30.48
N ASP A 74 -10.81 7.00 29.17
CA ASP A 74 -10.14 7.86 28.18
C ASP A 74 -10.95 7.86 26.91
N PRO A 75 -12.15 8.43 26.98
CA PRO A 75 -13.07 8.38 25.83
C PRO A 75 -12.58 9.23 24.64
N VAL A 76 -12.65 8.63 23.46
CA VAL A 76 -12.26 9.28 22.23
C VAL A 76 -12.86 8.54 21.03
N MET A 77 -13.40 9.28 20.06
CA MET A 77 -13.98 8.62 18.90
C MET A 77 -12.90 7.86 18.14
N PRO A 78 -13.18 6.60 17.79
CA PRO A 78 -12.19 5.84 17.05
C PRO A 78 -11.83 6.51 15.73
N GLY A 79 -10.53 6.64 15.46
CA GLY A 79 -10.09 7.21 14.21
C GLY A 79 -10.64 6.45 13.03
N CYS A 80 -10.68 5.13 13.14
CA CYS A 80 -11.13 4.31 12.03
C CYS A 80 -12.56 4.67 11.58
N LEU A 81 -13.39 5.18 12.50
CA LEU A 81 -14.78 5.42 12.20
C LEU A 81 -14.96 6.74 11.48
N GLY A 82 -14.08 7.69 11.78
CA GLY A 82 -14.07 8.96 11.07
C GLY A 82 -13.52 8.77 9.68
N LEU A 83 -12.51 7.92 9.57
CA LEU A 83 -12.04 7.49 8.28
C LEU A 83 -13.20 6.85 7.54
N ASP A 84 -13.95 5.98 8.19
CA ASP A 84 -14.96 5.25 7.46
C ASP A 84 -16.01 6.20 6.93
N ALA A 85 -16.26 7.27 7.67
CA ALA A 85 -17.26 8.23 7.26
C ALA A 85 -16.90 8.78 5.90
N MET A 86 -15.61 8.94 5.65
CA MET A 86 -15.16 9.44 4.37
C MET A 86 -15.44 8.41 3.28
N TRP A 87 -15.21 7.13 3.58
CA TRP A 87 -15.51 6.09 2.60
C TRP A 87 -17.03 6.04 2.35
N GLN A 88 -17.80 6.20 3.42
CA GLN A 88 -19.24 6.26 3.34
C GLN A 88 -19.70 7.35 2.37
N LEU A 89 -19.09 8.52 2.47
CA LEU A 89 -19.46 9.64 1.60
C LEU A 89 -19.08 9.42 0.14
N VAL A 90 -17.93 8.80 -0.08
CA VAL A 90 -17.45 8.58 -1.44
C VAL A 90 -18.31 7.53 -2.15
N GLY A 91 -18.69 6.46 -1.44
CA GLY A 91 -19.66 5.51 -1.97
C GLY A 91 -20.99 6.14 -2.30
N PHE A 92 -21.50 6.89 -1.35
CA PHE A 92 -22.78 7.55 -1.52
C PHE A 92 -22.74 8.35 -2.81
N TYR A 93 -21.65 9.07 -3.02
CA TYR A 93 -21.47 9.92 -4.19
C TYR A 93 -21.71 9.13 -5.44
N LEU A 94 -21.10 7.95 -5.50
CA LEU A 94 -21.19 7.11 -6.67
C LEU A 94 -22.64 6.69 -6.92
N GLY A 95 -23.37 6.37 -5.86
CA GLY A 95 -24.79 6.00 -5.98
C GLY A 95 -25.63 7.18 -6.39
N TRP A 96 -25.29 8.34 -5.83
CA TRP A 96 -25.94 9.59 -6.11
C TRP A 96 -25.77 10.00 -7.57
N GLN A 97 -24.67 9.62 -8.20
CA GLN A 97 -24.52 9.89 -9.63
C GLN A 97 -25.39 9.00 -10.49
N GLY A 98 -25.97 7.95 -9.94
CA GLY A 98 -26.87 7.10 -10.71
C GLY A 98 -26.20 5.82 -11.19
N ASN A 99 -24.99 5.55 -10.70
CA ASN A 99 -24.38 4.27 -11.00
C ASN A 99 -25.03 3.13 -10.22
N PRO A 100 -25.10 1.95 -10.85
CA PRO A 100 -25.65 0.77 -10.19
C PRO A 100 -24.61 0.02 -9.37
N GLY A 101 -25.07 -0.81 -8.44
CA GLY A 101 -24.22 -1.78 -7.77
C GLY A 101 -24.01 -1.44 -6.31
N ARG A 102 -23.52 -2.41 -5.55
CA ARG A 102 -23.29 -2.25 -4.13
C ARG A 102 -21.87 -1.71 -3.88
N GLY A 103 -21.71 -1.00 -2.77
CA GLY A 103 -20.45 -0.35 -2.43
C GLY A 103 -19.47 -1.24 -1.67
N ARG A 104 -18.22 -1.19 -2.11
CA ARG A 104 -17.11 -1.65 -1.28
C ARG A 104 -15.95 -0.66 -1.38
N ALA A 105 -15.47 -0.23 -0.24
CA ALA A 105 -14.22 0.50 -0.15
C ALA A 105 -13.05 -0.34 -0.71
N LEU A 106 -12.12 0.32 -1.42
CA LEU A 106 -10.99 -0.36 -1.99
C LEU A 106 -9.69 0.05 -1.32
N GLY A 107 -9.71 1.13 -0.57
CA GLY A 107 -8.55 1.53 0.25
C GLY A 107 -8.32 3.03 0.28
N SER A 108 -7.08 3.42 0.54
CA SER A 108 -6.65 4.82 0.49
C SER A 108 -5.14 4.91 0.36
N GLY A 109 -4.65 6.06 -0.11
CA GLY A 109 -3.25 6.43 0.09
C GLY A 109 -3.08 6.96 1.50
N GLU A 110 -2.09 7.78 1.72
CA GLU A 110 -1.83 8.30 3.06
C GLU A 110 -3.06 8.66 3.89
N VAL A 111 -3.14 8.14 5.10
CA VAL A 111 -4.06 8.63 6.11
C VAL A 111 -3.27 9.18 7.29
N LYS A 112 -3.67 10.35 7.81
CA LYS A 112 -3.07 10.94 9.02
C LYS A 112 -4.07 11.38 10.03
N PHE A 113 -3.80 11.03 11.27
CA PHE A 113 -4.60 11.46 12.40
C PHE A 113 -3.71 12.38 13.23
N PHE A 114 -4.10 13.65 13.35
CA PHE A 114 -3.33 14.62 14.08
C PHE A 114 -4.25 15.41 15.00
N GLY A 115 -5.26 14.75 15.54
CA GLY A 115 -6.20 15.35 16.46
C GLY A 115 -7.24 14.31 16.81
N GLN A 116 -8.23 14.68 17.61
CA GLN A 116 -9.20 13.71 18.15
C GLN A 116 -10.56 14.32 18.44
N VAL A 117 -11.55 13.46 18.52
CA VAL A 117 -12.89 13.85 18.88
C VAL A 117 -13.22 13.37 20.30
N LEU A 118 -13.41 14.31 21.21
CA LEU A 118 -13.74 14.01 22.59
C LEU A 118 -15.26 14.06 22.79
N PRO A 119 -15.77 13.44 23.86
CA PRO A 119 -17.19 13.46 24.12
C PRO A 119 -17.77 14.86 24.38
N THR A 120 -16.91 15.83 24.65
CA THR A 120 -17.33 17.22 24.82
C THR A 120 -17.36 18.05 23.54
N ALA A 121 -16.99 17.43 22.42
CA ALA A 121 -17.14 18.09 21.12
C ALA A 121 -18.61 18.25 20.74
N LYS A 122 -18.91 19.21 19.86
CA LYS A 122 -20.27 19.41 19.38
C LYS A 122 -20.51 18.68 18.06
N LYS A 123 -19.61 18.83 17.10
CA LYS A 123 -19.90 18.44 15.75
C LYS A 123 -18.68 18.12 14.95
N VAL A 124 -18.71 16.98 14.30
CA VAL A 124 -17.70 16.63 13.31
C VAL A 124 -18.17 16.95 11.90
N THR A 125 -17.27 17.53 11.10
CA THR A 125 -17.57 17.85 9.73
C THR A 125 -16.58 17.19 8.76
N TYR A 126 -17.10 16.57 7.70
CA TYR A 126 -16.29 15.90 6.72
C TYR A 126 -16.30 16.75 5.48
N ASN A 127 -15.14 16.99 4.89
CA ASN A 127 -15.03 17.61 3.59
C ASN A 127 -14.34 16.64 2.64
N ILE A 128 -15.00 16.34 1.53
CA ILE A 128 -14.52 15.34 0.57
C ILE A 128 -14.40 16.03 -0.76
N HIS A 129 -13.22 15.96 -1.36
CA HIS A 129 -13.05 16.44 -2.69
C HIS A 129 -12.84 15.28 -3.66
N ILE A 130 -13.76 15.14 -4.60
CA ILE A 130 -13.65 14.14 -5.63
C ILE A 130 -12.52 14.52 -6.56
N LYS A 131 -11.66 13.55 -6.82
CA LYS A 131 -10.55 13.74 -7.73
C LYS A 131 -10.79 13.13 -9.11
N ARG A 132 -11.45 11.99 -9.13
CA ARG A 132 -11.66 11.24 -10.37
C ARG A 132 -12.76 10.21 -10.17
N THR A 133 -13.60 10.04 -11.17
CA THR A 133 -14.44 8.85 -11.29
C THR A 133 -14.12 8.09 -12.55
N ILE A 134 -14.22 6.77 -12.47
CA ILE A 134 -13.88 5.89 -13.58
C ILE A 134 -15.08 5.01 -13.82
N ASN A 135 -15.62 5.06 -15.03
CA ASN A 135 -16.84 4.33 -15.37
C ASN A 135 -16.54 3.19 -16.34
N LEU A 138 -15.61 -1.51 -14.49
CA LEU A 138 -15.79 -1.29 -13.05
C LEU A 138 -15.90 0.19 -12.71
N VAL A 139 -16.89 0.54 -11.90
CA VAL A 139 -17.09 1.92 -11.49
C VAL A 139 -16.40 2.22 -10.14
N LEU A 140 -15.56 3.25 -10.10
CA LEU A 140 -14.97 3.66 -8.86
C LEU A 140 -14.70 5.13 -8.80
N ALA A 141 -14.50 5.61 -7.58
CA ALA A 141 -14.20 7.02 -7.32
C ALA A 141 -12.96 7.13 -6.47
N ILE A 142 -12.24 8.22 -6.68
CA ILE A 142 -11.03 8.53 -5.96
C ILE A 142 -11.15 9.94 -5.41
N ALA A 143 -10.81 10.12 -4.16
CA ALA A 143 -11.07 11.37 -3.50
C ALA A 143 -10.11 11.65 -2.39
N ASP A 144 -9.94 12.93 -2.10
CA ASP A 144 -9.24 13.32 -0.90
C ASP A 144 -10.29 13.73 0.12
N GLY A 145 -9.96 13.59 1.41
CA GLY A 145 -10.87 13.95 2.48
C GLY A 145 -10.20 14.53 3.71
N THR A 146 -10.94 15.38 4.43
CA THR A 146 -10.54 15.84 5.76
C THR A 146 -11.65 15.70 6.76
N VAL A 147 -11.27 15.45 8.01
CA VAL A 147 -12.23 15.38 9.11
C VAL A 147 -11.88 16.49 10.08
N SER A 148 -12.89 17.25 10.48
CA SER A 148 -12.70 18.37 11.36
C SER A 148 -13.67 18.26 12.53
N VAL A 149 -13.29 18.86 13.66
CA VAL A 149 -14.16 18.88 14.82
C VAL A 149 -14.24 20.30 15.36
N ASP A 150 -15.47 20.83 15.43
CA ASP A 150 -15.74 22.21 15.83
C ASP A 150 -14.76 23.19 15.19
N GLY A 151 -14.54 23.04 13.90
CA GLY A 151 -13.72 24.00 13.10
C GLY A 151 -12.28 23.55 12.88
N ARG A 152 -11.82 22.59 13.66
CA ARG A 152 -10.42 22.25 13.70
C ARG A 152 -10.16 20.98 12.92
N GLU A 153 -9.32 21.06 11.92
CA GLU A 153 -8.96 19.90 11.09
C GLU A 153 -8.18 18.92 11.95
N ILE A 154 -8.57 17.65 11.93
CA ILE A 154 -7.85 16.66 12.72
C ILE A 154 -7.37 15.41 11.94
N TYR A 155 -8.08 15.01 10.87
CA TYR A 155 -7.62 13.91 10.02
C TYR A 155 -7.56 14.28 8.56
N SER A 156 -6.64 13.65 7.84
CA SER A 156 -6.60 13.74 6.38
C SER A 156 -6.45 12.35 5.78
N ALA A 157 -7.08 12.17 4.63
CA ALA A 157 -6.85 11.00 3.78
C ALA A 157 -6.67 11.43 2.29
N GLU A 158 -5.66 10.91 1.62
CA GLU A 158 -5.47 11.09 0.20
C GLU A 158 -5.76 9.78 -0.53
N GLY A 159 -6.39 9.86 -1.69
CA GLY A 159 -6.61 8.69 -2.53
C GLY A 159 -7.62 7.68 -1.95
N LEU A 160 -8.61 8.16 -1.21
CA LEU A 160 -9.71 7.31 -0.82
C LEU A 160 -10.30 6.73 -2.09
N ARG A 161 -10.50 5.42 -2.10
CA ARG A 161 -11.08 4.74 -3.24
C ARG A 161 -12.29 3.91 -2.79
N VAL A 162 -13.40 4.05 -3.51
CA VAL A 162 -14.55 3.19 -3.31
C VAL A 162 -15.06 2.74 -4.67
N GLY A 163 -15.48 1.48 -4.76
CA GLY A 163 -16.05 0.92 -5.96
C GLY A 163 -17.47 0.45 -5.78
N LEU A 164 -18.17 0.31 -6.89
CA LEU A 164 -19.48 -0.27 -6.91
C LEU A 164 -19.42 -1.56 -7.66
N PHE A 165 -20.15 -2.54 -7.15
CA PHE A 165 -20.15 -3.88 -7.71
C PHE A 165 -21.54 -4.39 -7.95
N THR A 166 -21.81 -4.82 -9.18
CA THR A 166 -23.13 -5.36 -9.49
C THR A 166 -23.20 -6.85 -9.12
N SER A 167 -22.05 -7.42 -8.77
CA SER A 167 -21.96 -8.71 -8.06
C SER A 167 -20.76 -8.71 -7.07
N THR A 168 -21.03 -8.76 -5.75
CA THR A 168 -19.99 -9.03 -4.70
C THR A 168 -19.82 -10.52 -4.31
N ASP A 169 -20.44 -11.44 -5.06
CA ASP A 169 -20.17 -12.91 -4.96
C ASP A 169 -18.69 -13.26 -5.04
N SER A 170 -18.01 -12.61 -5.99
CA SER A 170 -16.60 -12.88 -6.30
C SER A 170 -15.62 -12.21 -5.29
N PHE A 171 -16.07 -11.11 -4.69
CA PHE A 171 -15.17 -10.26 -3.92
C PHE A 171 -14.58 -11.02 -2.72
N THR B 2 7.50 -8.44 27.41
CA THR B 2 8.41 -9.05 26.40
C THR B 2 8.54 -10.56 26.64
N LYS B 3 8.17 -10.99 27.84
CA LYS B 3 8.39 -12.37 28.23
C LYS B 3 7.24 -13.25 27.74
N GLN B 4 6.05 -12.69 27.65
CA GLN B 4 4.88 -13.48 27.29
C GLN B 4 4.59 -13.29 25.80
N HIS B 5 4.43 -14.39 25.06
CA HIS B 5 4.40 -14.33 23.60
C HIS B 5 3.05 -14.68 23.03
N ALA B 6 2.06 -14.79 23.89
CA ALA B 6 0.71 -15.07 23.45
C ALA B 6 -0.26 -14.56 24.49
N PHE B 7 -1.41 -14.09 24.01
CA PHE B 7 -2.42 -13.53 24.88
C PHE B 7 -3.82 -14.07 24.60
N THR B 8 -4.53 -14.44 25.65
CA THR B 8 -5.88 -14.92 25.49
C THR B 8 -6.85 -13.74 25.44
N ARG B 9 -8.10 -14.00 25.08
CA ARG B 9 -9.10 -12.95 25.13
C ARG B 9 -9.16 -12.28 26.51
N GLU B 10 -9.06 -13.08 27.56
CA GLU B 10 -9.13 -12.62 28.92
C GLU B 10 -8.04 -11.59 29.22
N ASP B 11 -6.87 -11.84 28.63
CA ASP B 11 -5.73 -10.98 28.80
C ASP B 11 -6.04 -9.66 28.08
N LEU B 12 -6.69 -9.75 26.92
CA LEU B 12 -6.97 -8.59 26.14
C LEU B 12 -8.05 -7.79 26.83
N LEU B 13 -9.06 -8.45 27.41
CA LEU B 13 -10.05 -7.75 28.21
C LEU B 13 -9.43 -7.04 29.43
N ARG B 14 -8.48 -7.71 30.06
CA ARG B 14 -7.76 -7.14 31.19
C ARG B 14 -7.02 -5.91 30.71
N CYS B 15 -6.37 -6.04 29.56
CA CYS B 15 -5.70 -4.92 28.93
C CYS B 15 -6.66 -3.76 28.71
N SER B 16 -7.86 -4.05 28.22
CA SER B 16 -8.88 -3.01 27.96
C SER B 16 -9.32 -2.28 29.25
N ARG B 17 -9.14 -2.91 30.39
CA ARG B 17 -9.45 -2.25 31.67
C ARG B 17 -8.28 -1.46 32.25
N GLY B 18 -7.15 -1.47 31.56
CA GLY B 18 -5.94 -0.85 32.11
C GLY B 18 -5.15 -1.71 33.07
N GLU B 19 -5.51 -2.99 33.17
CA GLU B 19 -4.98 -3.87 34.18
C GLU B 19 -3.87 -4.80 33.67
N LEU B 20 -3.51 -4.72 32.40
CA LEU B 20 -2.38 -5.49 31.89
C LEU B 20 -1.10 -4.68 31.96
N PHE B 21 -1.14 -3.48 31.38
CA PHE B 21 0.04 -2.61 31.32
C PHE B 21 0.06 -1.52 32.41
N GLY B 22 -1.02 -1.40 33.16
CA GLY B 22 -1.06 -0.51 34.31
C GLY B 22 -1.72 0.82 33.95
N PRO B 23 -2.07 1.62 34.97
CA PRO B 23 -2.81 2.85 34.77
C PRO B 23 -1.95 3.91 34.08
N GLY B 24 -2.54 4.63 33.13
CA GLY B 24 -1.81 5.60 32.31
C GLY B 24 -1.13 5.02 31.08
N ASN B 25 -1.17 3.71 30.93
CA ASN B 25 -0.50 3.04 29.82
C ASN B 25 -1.49 2.45 28.87
N ALA B 26 -0.99 1.77 27.85
CA ALA B 26 -1.83 1.42 26.71
C ALA B 26 -3.02 0.58 27.14
N GLN B 27 -4.19 0.90 26.58
CA GLN B 27 -5.42 0.08 26.72
C GLN B 27 -5.96 -0.22 25.36
N LEU B 28 -6.21 -1.49 25.09
CA LEU B 28 -7.05 -1.85 23.95
C LEU B 28 -8.45 -1.27 24.19
N PRO B 29 -9.23 -1.12 23.10
CA PRO B 29 -10.67 -0.94 23.24
C PRO B 29 -11.32 -2.13 23.93
N ALA B 30 -12.36 -1.87 24.71
CA ALA B 30 -13.31 -2.92 25.08
C ALA B 30 -14.31 -3.16 23.94
N PRO B 31 -15.02 -4.28 23.99
CA PRO B 31 -16.15 -4.52 23.07
C PRO B 31 -17.15 -3.39 23.20
N ASN B 32 -17.66 -2.87 22.09
CA ASN B 32 -17.64 -3.57 20.83
C ASN B 32 -16.65 -3.04 19.82
N MET B 33 -15.67 -2.26 20.28
CA MET B 33 -14.61 -1.78 19.35
C MET B 33 -13.39 -2.70 19.31
N LEU B 34 -13.29 -3.64 20.26
CA LEU B 34 -12.19 -4.59 20.26
C LEU B 34 -12.29 -5.54 19.07
N MET B 35 -11.25 -5.59 18.22
CA MET B 35 -11.34 -6.35 16.98
C MET B 35 -10.36 -7.50 16.93
N ILE B 36 -9.92 -7.93 18.12
CA ILE B 36 -9.07 -9.09 18.29
C ILE B 36 -9.58 -9.98 19.43
N ASP B 37 -9.59 -11.29 19.20
CA ASP B 37 -9.97 -12.26 20.25
C ASP B 37 -8.75 -12.82 20.94
N ARG B 38 -7.69 -13.06 20.18
CA ARG B 38 -6.46 -13.54 20.78
C ARG B 38 -5.24 -13.09 19.99
N ILE B 39 -4.12 -12.98 20.71
CA ILE B 39 -2.81 -12.85 20.07
C ILE B 39 -2.10 -14.21 20.17
N VAL B 40 -1.84 -14.81 19.00
CA VAL B 40 -1.29 -16.14 18.91
C VAL B 40 0.22 -16.09 19.00
N HIS B 41 0.80 -14.99 18.56
CA HIS B 41 2.24 -14.84 18.58
C HIS B 41 2.59 -13.37 18.59
N ILE B 42 3.44 -12.98 19.52
CA ILE B 42 4.01 -11.66 19.53
C ILE B 42 5.46 -11.76 19.99
N SER B 43 6.34 -11.12 19.25
CA SER B 43 7.77 -11.21 19.53
C SER B 43 8.39 -9.91 19.08
N ASP B 44 9.58 -9.59 19.58
CA ASP B 44 10.31 -8.41 19.11
C ASP B 44 11.54 -8.76 18.29
N VAL B 45 11.72 -10.05 17.99
CA VAL B 45 12.63 -10.49 16.93
C VAL B 45 11.81 -11.19 15.83
N GLY B 46 12.48 -11.48 14.72
CA GLY B 46 11.83 -12.15 13.58
C GLY B 46 10.96 -11.18 12.82
N GLY B 47 9.96 -11.71 12.11
CA GLY B 47 9.12 -10.93 11.25
C GLY B 47 9.80 -10.62 9.94
N LYS B 48 9.05 -9.95 9.07
CA LYS B 48 9.50 -9.64 7.73
C LYS B 48 10.77 -8.78 7.81
N TYR B 49 10.90 -7.96 8.85
CA TYR B 49 11.97 -6.95 8.90
C TYR B 49 12.97 -7.22 9.98
N GLY B 50 12.79 -8.33 10.68
CA GLY B 50 13.69 -8.71 11.74
C GLY B 50 13.49 -7.86 12.98
N LYS B 51 12.41 -7.08 13.04
CA LYS B 51 12.15 -6.19 14.16
C LYS B 51 10.87 -6.53 14.92
N GLY B 52 10.40 -7.75 14.76
CA GLY B 52 9.24 -8.22 15.49
C GLY B 52 7.99 -8.43 14.63
N GLU B 53 6.99 -9.08 15.22
CA GLU B 53 5.89 -9.70 14.52
C GLU B 53 4.72 -9.90 15.49
N LEU B 54 3.51 -9.74 14.99
CA LEU B 54 2.36 -10.17 15.72
C LEU B 54 1.47 -10.97 14.80
N VAL B 55 0.96 -12.08 15.31
CA VAL B 55 -0.13 -12.79 14.66
C VAL B 55 -1.30 -12.85 15.63
N ALA B 56 -2.48 -12.48 15.15
CA ALA B 56 -3.68 -12.43 16.00
C ALA B 56 -4.89 -12.91 15.22
N GLU B 57 -5.97 -13.23 15.97
CA GLU B 57 -7.16 -13.82 15.38
C GLU B 57 -8.43 -13.18 15.90
N LEU B 58 -9.42 -13.08 15.01
CA LEU B 58 -10.77 -12.71 15.39
C LEU B 58 -11.71 -13.78 14.86
N ASP B 59 -12.44 -14.43 15.76
CA ASP B 59 -13.43 -15.39 15.35
C ASP B 59 -14.62 -14.66 14.75
N ILE B 60 -15.19 -15.26 13.71
CA ILE B 60 -16.35 -14.70 13.04
C ILE B 60 -17.55 -15.60 13.27
N ASN B 61 -18.69 -14.99 13.55
CA ASN B 61 -19.97 -15.68 13.47
C ASN B 61 -21.00 -14.65 13.02
N PRO B 62 -22.15 -15.11 12.55
CA PRO B 62 -23.13 -14.21 11.94
C PRO B 62 -23.79 -13.19 12.90
N ASP B 63 -23.66 -13.40 14.21
CA ASP B 63 -24.29 -12.50 15.19
C ASP B 63 -23.37 -11.37 15.71
N LEU B 64 -22.12 -11.33 15.26
CA LEU B 64 -21.35 -10.13 15.47
C LEU B 64 -22.17 -8.87 15.05
N TRP B 65 -22.13 -7.85 15.91
CA TRP B 65 -23.08 -6.71 15.84
C TRP B 65 -23.02 -5.95 14.52
N PHE B 66 -21.85 -5.90 13.91
CA PHE B 66 -21.70 -5.04 12.75
C PHE B 66 -22.33 -5.64 11.49
N PHE B 67 -22.63 -6.92 11.51
CA PHE B 67 -23.18 -7.57 10.31
C PHE B 67 -24.60 -7.10 10.00
N ALA B 68 -25.43 -6.89 11.04
CA ALA B 68 -26.83 -6.55 10.81
C ALA B 68 -27.03 -5.12 10.25
N CYS B 69 -26.14 -4.20 10.61
CA CYS B 69 -26.29 -2.80 10.20
C CYS B 69 -25.41 -2.44 8.98
N HIS B 70 -24.58 -3.37 8.52
CA HIS B 70 -23.53 -3.07 7.55
C HIS B 70 -23.33 -4.23 6.56
N PHE B 71 -24.10 -4.33 5.47
CA PHE B 71 -25.28 -3.50 5.19
C PHE B 71 -26.53 -4.34 5.27
N GLU B 72 -27.68 -3.70 5.46
CA GLU B 72 -28.94 -4.45 5.50
C GLU B 72 -29.07 -5.19 4.18
N GLY B 73 -29.27 -6.50 4.25
CA GLY B 73 -29.43 -7.35 3.05
C GLY B 73 -28.11 -7.73 2.39
N ASP B 74 -26.99 -7.26 2.94
CA ASP B 74 -25.68 -7.46 2.30
C ASP B 74 -24.60 -7.39 3.39
N PRO B 75 -24.60 -8.37 4.28
CA PRO B 75 -23.77 -8.27 5.49
C PRO B 75 -22.31 -8.47 5.09
N VAL B 76 -21.44 -7.62 5.65
CA VAL B 76 -20.02 -7.68 5.42
C VAL B 76 -19.25 -6.91 6.52
N MET B 77 -18.16 -7.47 7.02
CA MET B 77 -17.40 -6.79 8.07
C MET B 77 -16.85 -5.49 7.52
N PRO B 78 -17.08 -4.38 8.20
CA PRO B 78 -16.53 -3.14 7.75
C PRO B 78 -15.01 -3.22 7.58
N GLY B 79 -14.51 -2.77 6.43
CA GLY B 79 -13.08 -2.73 6.22
C GLY B 79 -12.37 -1.90 7.29
N CYS B 80 -12.99 -0.80 7.71
CA CYS B 80 -12.37 0.08 8.66
C CYS B 80 -12.05 -0.62 9.99
N LEU B 81 -12.80 -1.65 10.33
CA LEU B 81 -12.63 -2.33 11.61
C LEU B 81 -11.50 -3.34 11.56
N GLY B 82 -11.29 -3.93 10.39
CA GLY B 82 -10.15 -4.81 10.18
C GLY B 82 -8.86 -4.00 10.14
N LEU B 83 -8.94 -2.86 9.48
CA LEU B 83 -7.84 -1.93 9.51
C LEU B 83 -7.57 -1.53 10.95
N ASP B 84 -8.61 -1.23 11.70
CA ASP B 84 -8.38 -0.83 13.09
C ASP B 84 -7.71 -1.90 13.93
N ALA B 85 -8.04 -3.16 13.67
CA ALA B 85 -7.43 -4.28 14.39
C ALA B 85 -5.92 -4.23 14.23
N MET B 86 -5.44 -3.84 13.04
CA MET B 86 -4.02 -3.71 12.83
C MET B 86 -3.45 -2.57 13.69
N TRP B 87 -4.16 -1.44 13.78
CA TRP B 87 -3.69 -0.34 14.65
C TRP B 87 -3.72 -0.80 16.12
N GLN B 88 -4.77 -1.52 16.49
CA GLN B 88 -4.86 -2.10 17.84
C GLN B 88 -3.64 -2.96 18.20
N LEU B 89 -3.21 -3.80 17.27
CA LEU B 89 -2.05 -4.66 17.50
C LEU B 89 -0.77 -3.86 17.63
N VAL B 90 -0.63 -2.82 16.80
CA VAL B 90 0.60 -2.08 16.79
C VAL B 90 0.74 -1.25 18.11
N GLY B 91 -0.37 -0.69 18.59
CA GLY B 91 -0.41 -0.02 19.88
C GLY B 91 -0.07 -0.98 21.01
N PHE B 92 -0.70 -2.14 20.99
CA PHE B 92 -0.47 -3.15 22.00
C PHE B 92 1.01 -3.49 22.07
N TYR B 93 1.61 -3.64 20.90
CA TYR B 93 3.02 -3.97 20.77
C TYR B 93 3.87 -2.98 21.58
N LEU B 94 3.58 -1.70 21.41
CA LEU B 94 4.32 -0.65 22.09
C LEU B 94 4.17 -0.79 23.59
N GLY B 95 2.97 -1.13 24.05
CA GLY B 95 2.72 -1.28 25.50
C GLY B 95 3.45 -2.50 26.05
N TRP B 96 3.40 -3.55 25.25
CA TRP B 96 4.04 -4.81 25.56
C TRP B 96 5.54 -4.67 25.67
N GLN B 97 6.14 -3.75 24.93
CA GLN B 97 7.56 -3.49 25.08
C GLN B 97 7.90 -2.76 26.40
N GLY B 98 6.89 -2.24 27.10
CA GLY B 98 7.13 -1.62 28.38
C GLY B 98 7.11 -0.11 28.33
N ASN B 99 6.78 0.46 27.18
CA ASN B 99 6.68 1.91 27.10
C ASN B 99 5.45 2.42 27.82
N PRO B 100 5.55 3.60 28.40
CA PRO B 100 4.44 4.26 29.07
C PRO B 100 3.59 5.13 28.14
N GLY B 101 2.36 5.43 28.57
CA GLY B 101 1.50 6.37 27.90
C GLY B 101 0.32 5.70 27.20
N ARG B 102 -0.66 6.51 26.83
CA ARG B 102 -1.86 6.04 26.15
C ARG B 102 -1.69 6.03 24.64
N GLY B 103 -2.42 5.15 23.98
CA GLY B 103 -2.29 4.97 22.53
C GLY B 103 -3.14 5.93 21.71
N ARG B 104 -2.54 6.47 20.65
CA ARG B 104 -3.28 7.07 19.54
C ARG B 104 -2.69 6.65 18.20
N ALA B 105 -3.54 6.12 17.31
CA ALA B 105 -3.12 5.87 15.93
C ALA B 105 -2.75 7.17 15.25
N LEU B 106 -1.73 7.16 14.40
CA LEU B 106 -1.28 8.37 13.70
C LEU B 106 -1.59 8.31 12.22
N GLY B 107 -1.85 7.11 11.72
CA GLY B 107 -2.29 6.92 10.33
C GLY B 107 -1.71 5.70 9.64
N SER B 108 -1.63 5.74 8.31
CA SER B 108 -0.96 4.72 7.51
C SER B 108 -0.59 5.26 6.16
N GLY B 109 0.39 4.62 5.52
CA GLY B 109 0.54 4.72 4.06
C GLY B 109 -0.51 3.83 3.39
N GLU B 110 -0.28 3.46 2.17
CA GLU B 110 -1.25 2.74 1.39
C GLU B 110 -2.07 1.67 2.14
N VAL B 111 -3.39 1.74 2.04
CA VAL B 111 -4.28 0.65 2.45
C VAL B 111 -5.01 0.10 1.24
N LYS B 112 -5.06 -1.23 1.12
CA LYS B 112 -5.81 -1.85 0.06
C LYS B 112 -6.75 -2.89 0.58
N PHE B 113 -7.99 -2.82 0.11
CA PHE B 113 -8.98 -3.84 0.38
C PHE B 113 -9.25 -4.56 -0.95
N PHE B 114 -8.97 -5.87 -1.02
CA PHE B 114 -9.16 -6.66 -2.23
C PHE B 114 -9.87 -7.99 -1.90
N GLY B 115 -10.75 -7.95 -0.90
CA GLY B 115 -11.56 -9.08 -0.49
C GLY B 115 -12.44 -8.67 0.72
N GLN B 116 -13.18 -9.60 1.28
CA GLN B 116 -14.16 -9.26 2.30
C GLN B 116 -14.40 -10.37 3.27
N VAL B 117 -14.99 -10.00 4.40
CA VAL B 117 -15.36 -10.97 5.43
C VAL B 117 -16.87 -11.08 5.51
N LEU B 118 -17.39 -12.26 5.17
CA LEU B 118 -18.82 -12.53 5.23
C LEU B 118 -19.19 -13.21 6.54
N PRO B 119 -20.47 -13.14 6.95
CA PRO B 119 -20.89 -13.75 8.21
C PRO B 119 -20.70 -15.26 8.27
N THR B 120 -20.50 -15.89 7.09
CA THR B 120 -20.24 -17.34 7.00
C THR B 120 -18.75 -17.72 7.14
N ALA B 121 -17.88 -16.74 7.27
CA ALA B 121 -16.46 -17.00 7.51
C ALA B 121 -16.25 -17.53 8.92
N LYS B 122 -15.13 -18.20 9.15
CA LYS B 122 -14.80 -18.75 10.45
C LYS B 122 -13.88 -17.82 11.24
N LYS B 123 -12.80 -17.38 10.62
CA LYS B 123 -11.76 -16.72 11.36
C LYS B 123 -10.95 -15.73 10.54
N VAL B 124 -10.81 -14.53 11.05
CA VAL B 124 -9.90 -13.57 10.51
C VAL B 124 -8.53 -13.61 11.27
N THR B 125 -7.45 -13.53 10.51
CA THR B 125 -6.12 -13.54 11.05
C THR B 125 -5.36 -12.28 10.59
N TYR B 126 -4.73 -11.63 11.56
CA TYR B 126 -3.94 -10.45 11.30
C TYR B 126 -2.48 -10.82 11.40
N ASN B 127 -1.68 -10.42 10.41
CA ASN B 127 -0.24 -10.57 10.45
C ASN B 127 0.38 -9.20 10.38
N ILE B 128 1.17 -8.85 11.38
CA ILE B 128 1.75 -7.52 11.51
C ILE B 128 3.25 -7.69 11.54
N HIS B 129 3.94 -6.98 10.67
CA HIS B 129 5.39 -6.93 10.74
C HIS B 129 5.90 -5.56 11.13
N ILE B 130 6.59 -5.50 12.27
CA ILE B 130 7.10 -4.29 12.75
C ILE B 130 8.29 -3.92 11.89
N LYS B 131 8.30 -2.66 11.48
CA LYS B 131 9.34 -2.13 10.64
C LYS B 131 10.34 -1.30 11.43
N ARG B 132 9.85 -0.54 12.38
CA ARG B 132 10.66 0.38 13.15
C ARG B 132 9.91 0.81 14.41
N THR B 133 10.63 0.92 15.51
CA THR B 133 10.17 1.68 16.65
C THR B 133 11.09 2.85 16.94
N ILE B 134 10.51 3.93 17.45
CA ILE B 134 11.25 5.15 17.72
C ILE B 134 10.94 5.50 19.16
N ASN B 135 11.96 5.55 19.99
CA ASN B 135 11.82 5.79 21.44
C ASN B 135 12.39 7.16 21.83
N ARG B 136 12.44 8.07 20.86
CA ARG B 136 13.38 9.19 20.91
C ARG B 136 12.90 10.21 21.95
N SER B 137 11.69 10.71 21.74
CA SER B 137 11.00 11.51 22.74
C SER B 137 9.51 11.11 22.74
N LEU B 138 8.86 11.28 21.59
CA LEU B 138 7.62 10.58 21.35
C LEU B 138 7.92 9.15 20.94
N VAL B 139 7.16 8.23 21.50
CA VAL B 139 7.30 6.84 21.23
C VAL B 139 6.31 6.42 20.16
N LEU B 140 6.80 5.84 19.07
CA LEU B 140 5.92 5.35 18.07
C LEU B 140 6.47 4.12 17.37
N ALA B 141 5.56 3.44 16.68
CA ALA B 141 5.90 2.28 15.89
C ALA B 141 5.32 2.38 14.49
N ILE B 142 6.04 1.78 13.54
CA ILE B 142 5.69 1.74 12.16
C ILE B 142 5.73 0.31 11.68
N ALA B 143 4.73 -0.09 10.92
CA ALA B 143 4.54 -1.49 10.61
C ALA B 143 3.78 -1.69 9.31
N ASP B 144 3.98 -2.86 8.71
CA ASP B 144 3.13 -3.35 7.65
C ASP B 144 2.23 -4.48 8.16
N GLY B 145 1.06 -4.60 7.54
CA GLY B 145 0.04 -5.52 8.02
C GLY B 145 -0.79 -6.13 6.93
N THR B 146 -1.21 -7.37 7.15
CA THR B 146 -2.21 -7.98 6.28
C THR B 146 -3.36 -8.56 7.09
N VAL B 147 -4.51 -8.57 6.46
CA VAL B 147 -5.68 -9.19 7.02
C VAL B 147 -6.06 -10.32 6.10
N SER B 148 -6.26 -11.51 6.70
CA SER B 148 -6.68 -12.69 5.97
C SER B 148 -7.96 -13.28 6.56
N VAL B 149 -8.74 -13.96 5.71
CA VAL B 149 -9.90 -14.65 6.20
C VAL B 149 -9.91 -16.09 5.70
N ASP B 150 -10.00 -17.03 6.62
CA ASP B 150 -9.90 -18.46 6.31
C ASP B 150 -8.84 -18.77 5.27
N GLY B 151 -7.64 -18.22 5.49
CA GLY B 151 -6.48 -18.56 4.66
C GLY B 151 -6.21 -17.57 3.54
N ARG B 152 -7.19 -16.74 3.21
CA ARG B 152 -7.11 -15.89 2.04
C ARG B 152 -6.82 -14.47 2.44
N GLU B 153 -5.70 -13.94 1.96
CA GLU B 153 -5.29 -12.53 2.16
C GLU B 153 -6.33 -11.60 1.48
N ILE B 154 -6.88 -10.65 2.23
CA ILE B 154 -7.85 -9.73 1.66
C ILE B 154 -7.53 -8.22 1.78
N TYR B 155 -6.81 -7.80 2.81
CA TYR B 155 -6.37 -6.42 2.97
C TYR B 155 -4.88 -6.35 3.19
N SER B 156 -4.29 -5.24 2.73
CA SER B 156 -2.92 -4.85 3.14
C SER B 156 -2.84 -3.41 3.58
N ALA B 157 -1.90 -3.12 4.47
CA ALA B 157 -1.60 -1.77 4.89
C ALA B 157 -0.09 -1.62 5.03
N GLU B 158 0.46 -0.58 4.42
CA GLU B 158 1.82 -0.23 4.62
C GLU B 158 1.93 1.01 5.52
N GLY B 159 2.94 1.05 6.38
CA GLY B 159 3.25 2.25 7.10
C GLY B 159 2.19 2.56 8.15
N LEU B 160 1.60 1.56 8.75
CA LEU B 160 0.76 1.78 9.91
C LEU B 160 1.59 2.44 10.99
N ARG B 161 1.07 3.49 11.59
CA ARG B 161 1.76 4.21 12.62
C ARG B 161 0.86 4.35 13.86
N VAL B 162 1.42 4.05 15.03
CA VAL B 162 0.75 4.32 16.28
C VAL B 162 1.74 4.93 17.25
N GLY B 163 1.27 5.88 18.03
CA GLY B 163 2.09 6.50 19.05
C GLY B 163 1.55 6.26 20.45
N LEU B 164 2.39 6.45 21.45
CA LEU B 164 2.00 6.50 22.85
C LEU B 164 2.24 7.86 23.42
N PHE B 165 1.32 8.30 24.28
CA PHE B 165 1.38 9.64 24.81
C PHE B 165 1.15 9.66 26.30
N THR B 166 2.09 10.28 27.02
CA THR B 166 1.97 10.34 28.46
C THR B 166 1.07 11.51 28.79
N SER B 167 0.83 12.35 27.79
CA SER B 167 -0.20 13.35 27.86
C SER B 167 -0.75 13.58 26.42
N THR B 168 -1.99 13.12 26.15
CA THR B 168 -2.61 13.27 24.83
C THR B 168 -3.15 14.71 24.62
N ASP B 169 -2.83 15.63 25.54
CA ASP B 169 -3.40 16.99 25.55
C ASP B 169 -3.26 17.75 24.21
N SER B 170 -2.22 17.43 23.43
CA SER B 170 -1.95 18.08 22.14
C SER B 170 -2.96 17.69 20.99
N PHE B 171 -3.62 16.54 21.11
CA PHE B 171 -4.74 16.14 20.23
C PHE B 171 -6.10 16.88 20.39
N MET C 1 38.17 -26.11 11.67
CA MET C 1 38.09 -26.82 10.36
C MET C 1 38.60 -26.08 9.12
N THR C 2 39.08 -24.87 9.30
CA THR C 2 39.36 -23.94 8.19
C THR C 2 40.63 -24.36 7.41
N LYS C 3 41.42 -25.27 7.97
CA LYS C 3 42.60 -25.78 7.29
C LYS C 3 42.22 -26.86 6.28
N GLN C 4 41.04 -27.47 6.45
CA GLN C 4 40.51 -28.35 5.41
C GLN C 4 39.71 -27.67 4.30
N HIS C 5 40.20 -27.79 3.08
CA HIS C 5 39.65 -27.02 1.96
C HIS C 5 38.89 -27.82 0.89
N ALA C 6 38.57 -29.08 1.18
CA ALA C 6 37.78 -29.86 0.22
C ALA C 6 37.03 -30.96 0.95
N PHE C 7 35.86 -31.32 0.43
CA PHE C 7 35.03 -32.38 1.06
C PHE C 7 34.48 -33.38 0.02
N THR C 8 34.55 -34.65 0.37
CA THR C 8 34.00 -35.68 -0.50
C THR C 8 32.52 -35.86 -0.24
N ARG C 9 31.86 -36.60 -1.12
CA ARG C 9 30.44 -36.92 -0.88
C ARG C 9 30.22 -37.56 0.49
N GLU C 10 31.10 -38.47 0.87
CA GLU C 10 30.97 -39.17 2.16
C GLU C 10 31.03 -38.17 3.29
N ASP C 11 31.84 -37.11 3.15
CA ASP C 11 31.95 -36.06 4.18
C ASP C 11 30.63 -35.32 4.27
N LEU C 12 30.01 -35.09 3.12
CA LEU C 12 28.77 -34.39 3.08
C LEU C 12 27.64 -35.24 3.67
N LEU C 13 27.63 -36.53 3.36
CA LEU C 13 26.70 -37.46 4.00
C LEU C 13 26.88 -37.47 5.49
N ARG C 14 28.13 -37.49 5.92
CA ARG C 14 28.41 -37.50 7.32
C ARG C 14 27.88 -36.19 7.92
N CYS C 15 28.15 -35.07 7.27
CA CYS C 15 27.57 -33.80 7.67
C CYS C 15 26.04 -33.87 7.82
N SER C 16 25.38 -34.50 6.85
CA SER C 16 23.91 -34.64 6.89
C SER C 16 23.40 -35.44 8.11
N ARG C 17 24.24 -36.31 8.64
CA ARG C 17 23.85 -37.08 9.79
C ARG C 17 24.16 -36.37 11.12
N GLY C 18 24.72 -35.17 11.03
CA GLY C 18 25.11 -34.45 12.22
C GLY C 18 26.50 -34.84 12.71
N GLU C 19 27.23 -35.61 11.92
CA GLU C 19 28.47 -36.23 12.33
C GLU C 19 29.73 -35.51 11.82
N LEU C 20 29.58 -34.41 11.11
CA LEU C 20 30.73 -33.60 10.74
C LEU C 20 30.94 -32.46 11.75
N PHE C 21 29.91 -31.67 11.98
CA PHE C 21 30.02 -30.50 12.85
C PHE C 21 29.48 -30.79 14.25
N GLY C 22 28.86 -31.95 14.46
CA GLY C 22 28.41 -32.36 15.79
C GLY C 22 26.94 -32.07 16.03
N PRO C 23 26.39 -32.60 17.13
CA PRO C 23 24.96 -32.49 17.43
C PRO C 23 24.54 -31.05 17.81
N GLY C 24 23.40 -30.62 17.30
CA GLY C 24 22.97 -29.23 17.50
C GLY C 24 23.55 -28.22 16.52
N ASN C 25 24.42 -28.66 15.62
CA ASN C 25 25.08 -27.75 14.69
C ASN C 25 24.65 -28.04 13.26
N ALA C 26 25.25 -27.33 12.29
CA ALA C 26 24.75 -27.34 10.93
C ALA C 26 24.72 -28.73 10.31
N GLN C 27 23.62 -29.03 9.62
CA GLN C 27 23.49 -30.27 8.86
C GLN C 27 23.08 -29.93 7.46
N LEU C 28 23.79 -30.46 6.47
CA LEU C 28 23.24 -30.50 5.15
C LEU C 28 22.00 -31.40 5.16
N PRO C 29 21.13 -31.24 4.17
CA PRO C 29 20.14 -32.27 3.87
C PRO C 29 20.77 -33.60 3.47
N ALA C 30 20.12 -34.69 3.82
CA ALA C 30 20.42 -35.98 3.21
C ALA C 30 19.67 -36.09 1.87
N PRO C 31 20.07 -37.07 1.06
CA PRO C 31 19.31 -37.40 -0.13
C PRO C 31 17.88 -37.70 0.27
N ASN C 32 16.93 -37.19 -0.49
CA ASN C 32 17.17 -36.70 -1.84
C ASN C 32 17.19 -35.18 -1.95
N MET C 33 17.27 -34.47 -0.82
CA MET C 33 17.31 -32.99 -0.86
C MET C 33 18.73 -32.46 -1.00
N LEU C 34 19.71 -33.32 -0.78
CA LEU C 34 21.09 -32.91 -0.92
C LEU C 34 21.42 -32.60 -2.41
N MET C 35 21.89 -31.40 -2.70
CA MET C 35 22.10 -31.01 -4.10
C MET C 35 23.55 -30.76 -4.45
N ILE C 36 24.46 -31.34 -3.64
CA ILE C 36 25.91 -31.28 -3.84
C ILE C 36 26.52 -32.68 -3.67
N ASP C 37 27.42 -33.06 -4.58
CA ASP C 37 28.18 -34.30 -4.48
C ASP C 37 29.54 -34.07 -3.83
N ARG C 38 30.18 -32.95 -4.14
CA ARG C 38 31.48 -32.64 -3.54
C ARG C 38 31.75 -31.14 -3.47
N ILE C 39 32.51 -30.75 -2.47
CA ILE C 39 33.06 -29.42 -2.39
C ILE C 39 34.53 -29.46 -2.80
N VAL C 40 34.82 -28.83 -3.92
CA VAL C 40 36.11 -28.89 -4.54
C VAL C 40 37.05 -27.88 -3.85
N HIS C 41 36.50 -26.78 -3.38
CA HIS C 41 37.31 -25.73 -2.79
C HIS C 41 36.45 -24.90 -1.84
N ILE C 42 36.94 -24.72 -0.63
CA ILE C 42 36.32 -23.83 0.32
C ILE C 42 37.41 -23.15 1.10
N SER C 43 37.27 -21.84 1.25
CA SER C 43 38.30 -21.03 1.91
C SER C 43 37.60 -19.85 2.54
N ASP C 44 38.25 -19.20 3.49
CA ASP C 44 37.70 -17.97 4.07
C ASP C 44 38.47 -16.73 3.69
N VAL C 45 39.43 -16.88 2.79
CA VAL C 45 40.03 -15.76 2.08
C VAL C 45 39.75 -15.90 0.57
N GLY C 46 40.09 -14.86 -0.18
CA GLY C 46 39.88 -14.87 -1.63
C GLY C 46 38.42 -14.69 -1.96
N GLY C 47 38.01 -15.14 -3.14
CA GLY C 47 36.66 -14.91 -3.63
C GLY C 47 36.50 -13.51 -4.16
N LYS C 48 35.32 -13.23 -4.68
CA LYS C 48 35.01 -11.95 -5.31
C LYS C 48 35.17 -10.77 -4.34
N TYR C 49 34.92 -11.01 -3.05
CA TYR C 49 34.90 -9.93 -2.05
C TYR C 49 36.07 -9.99 -1.07
N GLY C 50 36.95 -10.97 -1.26
CA GLY C 50 38.04 -11.19 -0.33
C GLY C 50 37.61 -11.82 0.99
N LYS C 51 36.38 -12.34 1.09
CA LYS C 51 35.87 -12.86 2.36
C LYS C 51 35.54 -14.33 2.28
N GLY C 52 36.10 -15.01 1.28
CA GLY C 52 35.91 -16.44 1.13
C GLY C 52 35.05 -16.87 -0.06
N GLU C 53 35.07 -18.17 -0.33
CA GLU C 53 34.66 -18.72 -1.60
C GLU C 53 34.35 -20.18 -1.41
N LEU C 54 33.36 -20.68 -2.14
CA LEU C 54 33.17 -22.11 -2.28
C LEU C 54 33.01 -22.43 -3.76
N VAL C 55 33.62 -23.54 -4.17
CA VAL C 55 33.31 -24.20 -5.43
C VAL C 55 32.89 -25.64 -5.17
N ALA C 56 31.75 -26.03 -5.74
CA ALA C 56 31.18 -27.33 -5.51
C ALA C 56 30.57 -27.90 -6.79
N GLU C 57 30.29 -29.20 -6.78
CA GLU C 57 29.84 -29.90 -7.98
C GLU C 57 28.70 -30.85 -7.66
N LEU C 58 27.78 -30.96 -8.63
CA LEU C 58 26.77 -32.01 -8.64
C LEU C 58 26.86 -32.74 -9.98
N ASP C 59 27.12 -34.06 -9.92
CA ASP C 59 27.10 -34.87 -11.14
C ASP C 59 25.67 -35.09 -11.60
N ILE C 60 25.49 -35.09 -12.92
CA ILE C 60 24.16 -35.27 -13.51
C ILE C 60 24.13 -36.58 -14.30
N ASN C 61 23.04 -37.33 -14.15
CA ASN C 61 22.73 -38.40 -15.07
C ASN C 61 21.22 -38.45 -15.18
N PRO C 62 20.70 -39.15 -16.19
CA PRO C 62 19.27 -39.11 -16.50
C PRO C 62 18.35 -39.74 -15.44
N ASP C 63 18.93 -40.52 -14.52
CA ASP C 63 18.13 -41.28 -13.55
C ASP C 63 17.94 -40.53 -12.23
N LEU C 64 18.55 -39.37 -12.09
CA LEU C 64 18.25 -38.52 -10.95
C LEU C 64 16.74 -38.33 -10.81
N TRP C 65 16.26 -38.45 -9.57
CA TRP C 65 14.82 -38.64 -9.30
C TRP C 65 13.96 -37.51 -9.83
N PHE C 66 14.49 -36.29 -9.80
CA PHE C 66 13.64 -35.15 -10.12
C PHE C 66 13.34 -35.05 -11.62
N PHE C 67 14.10 -35.74 -12.46
CA PHE C 67 13.89 -35.62 -13.91
C PHE C 67 12.55 -36.23 -14.34
N ALA C 68 12.15 -37.35 -13.74
CA ALA C 68 10.94 -38.08 -14.19
C ALA C 68 9.61 -37.36 -13.83
N CYS C 69 9.61 -36.62 -12.72
CA CYS C 69 8.42 -35.92 -12.29
C CYS C 69 8.40 -34.43 -12.67
N HIS C 70 9.46 -33.95 -13.30
CA HIS C 70 9.65 -32.50 -13.49
C HIS C 70 10.36 -32.20 -14.80
N PHE C 71 9.65 -32.11 -15.92
CA PHE C 71 8.23 -32.44 -16.04
C PHE C 71 8.07 -33.70 -16.87
N GLU C 72 6.93 -34.37 -16.74
CA GLU C 72 6.67 -35.56 -17.56
C GLU C 72 6.79 -35.19 -19.03
N GLY C 73 7.65 -35.88 -19.76
CA GLY C 73 7.84 -35.63 -21.18
C GLY C 73 8.72 -34.41 -21.46
N ASP C 74 9.18 -33.74 -20.42
CA ASP C 74 9.96 -32.49 -20.55
C ASP C 74 10.90 -32.35 -19.35
N PRO C 75 11.92 -33.22 -19.29
CA PRO C 75 12.73 -33.30 -18.08
C PRO C 75 13.69 -32.13 -17.96
N VAL C 76 13.75 -31.56 -16.77
CA VAL C 76 14.65 -30.45 -16.47
C VAL C 76 14.84 -30.29 -14.94
N MET C 77 16.07 -30.07 -14.50
CA MET C 77 16.31 -29.97 -13.08
C MET C 77 15.56 -28.75 -12.57
N PRO C 78 14.82 -28.90 -11.46
CA PRO C 78 14.13 -27.76 -10.91
C PRO C 78 15.10 -26.66 -10.57
N GLY C 79 14.80 -25.45 -11.02
CA GLY C 79 15.58 -24.30 -10.65
C GLY C 79 15.68 -24.14 -9.13
N CYS C 80 14.57 -24.38 -8.42
CA CYS C 80 14.56 -24.16 -6.98
C CYS C 80 15.61 -25.02 -6.27
N LEU C 81 15.99 -26.15 -6.88
CA LEU C 81 16.94 -27.07 -6.25
C LEU C 81 18.40 -26.63 -6.45
N GLY C 82 18.67 -25.99 -7.58
CA GLY C 82 19.97 -25.43 -7.85
C GLY C 82 20.19 -24.21 -7.00
N LEU C 83 19.11 -23.44 -6.84
CA LEU C 83 19.11 -22.34 -5.87
C LEU C 83 19.38 -22.88 -4.48
N ASP C 84 18.68 -23.96 -4.10
CA ASP C 84 18.88 -24.48 -2.77
C ASP C 84 20.30 -24.96 -2.51
N ALA C 85 20.95 -25.48 -3.54
CA ALA C 85 22.34 -25.89 -3.42
C ALA C 85 23.20 -24.73 -2.94
N MET C 86 22.89 -23.54 -3.42
CA MET C 86 23.68 -22.36 -3.02
C MET C 86 23.43 -22.04 -1.55
N TRP C 87 22.17 -22.16 -1.10
CA TRP C 87 21.89 -21.98 0.33
C TRP C 87 22.60 -23.06 1.15
N GLN C 88 22.61 -24.28 0.61
CA GLN C 88 23.28 -25.42 1.27
C GLN C 88 24.78 -25.12 1.49
N LEU C 89 25.42 -24.55 0.47
CA LEU C 89 26.81 -24.20 0.56
C LEU C 89 27.07 -23.08 1.56
N VAL C 90 26.17 -22.11 1.60
CA VAL C 90 26.38 -20.98 2.49
C VAL C 90 26.23 -21.40 3.97
N GLY C 91 25.23 -22.23 4.25
CA GLY C 91 25.03 -22.79 5.58
C GLY C 91 26.22 -23.63 6.00
N PHE C 92 26.66 -24.49 5.10
CA PHE C 92 27.82 -25.32 5.35
C PHE C 92 29.04 -24.46 5.76
N TYR C 93 29.24 -23.37 5.01
CA TYR C 93 30.33 -22.45 5.26
C TYR C 93 30.33 -21.99 6.73
N LEU C 94 29.16 -21.59 7.23
CA LEU C 94 29.02 -21.10 8.58
C LEU C 94 29.39 -22.19 9.59
N GLY C 95 29.00 -23.43 9.30
CA GLY C 95 29.33 -24.56 10.18
C GLY C 95 30.82 -24.86 10.13
N TRP C 96 31.37 -24.81 8.92
CA TRP C 96 32.76 -25.01 8.66
C TRP C 96 33.66 -23.96 9.37
N GLN C 97 33.17 -22.73 9.54
CA GLN C 97 33.91 -21.77 10.36
C GLN C 97 33.94 -22.08 11.86
N GLY C 98 33.11 -23.02 12.32
CA GLY C 98 33.10 -23.38 13.73
C GLY C 98 31.94 -22.76 14.51
N ASN C 99 31.01 -22.09 13.85
CA ASN C 99 29.84 -21.58 14.54
C ASN C 99 28.85 -22.67 14.95
N PRO C 100 28.18 -22.49 16.10
CA PRO C 100 27.18 -23.44 16.60
C PRO C 100 25.78 -23.13 16.09
N GLY C 101 24.91 -24.13 16.15
CA GLY C 101 23.49 -23.94 15.88
C GLY C 101 23.06 -24.58 14.56
N ARG C 102 21.75 -24.73 14.41
CA ARG C 102 21.18 -25.33 13.22
C ARG C 102 20.93 -24.27 12.13
N GLY C 103 20.98 -24.69 10.87
CA GLY C 103 20.84 -23.79 9.73
C GLY C 103 19.40 -23.52 9.30
N ARG C 104 19.11 -22.25 9.02
CA ARG C 104 17.92 -21.84 8.28
C ARG C 104 18.29 -20.77 7.27
N ALA C 105 17.92 -21.00 6.02
CA ALA C 105 18.00 -19.98 5.00
C ALA C 105 17.08 -18.83 5.38
N LEU C 106 17.52 -17.59 5.10
CA LEU C 106 16.71 -16.42 5.41
C LEU C 106 16.18 -15.72 4.15
N GLY C 107 16.77 -16.04 3.01
CA GLY C 107 16.27 -15.55 1.74
C GLY C 107 17.36 -15.22 0.74
N SER C 108 17.02 -14.33 -0.19
CA SER C 108 17.98 -13.80 -1.12
C SER C 108 17.45 -12.51 -1.68
N GLY C 109 18.37 -11.68 -2.18
CA GLY C 109 18.00 -10.65 -3.18
C GLY C 109 17.77 -11.29 -4.56
N GLU C 110 17.87 -10.52 -5.60
CA GLU C 110 17.56 -11.02 -6.92
C GLU C 110 18.04 -12.46 -7.23
N VAL C 111 17.14 -13.30 -7.74
CA VAL C 111 17.51 -14.57 -8.36
C VAL C 111 17.14 -14.59 -9.83
N LYS C 112 18.04 -15.09 -10.69
CA LYS C 112 17.78 -15.18 -12.14
C LYS C 112 18.13 -16.54 -12.67
N PHE C 113 17.21 -17.09 -13.44
CA PHE C 113 17.40 -18.32 -14.18
C PHE C 113 17.42 -17.96 -15.66
N PHE C 114 18.54 -18.21 -16.32
CA PHE C 114 18.67 -17.89 -17.75
C PHE C 114 19.28 -19.08 -18.48
N GLY C 115 18.97 -20.29 -18.01
CA GLY C 115 19.39 -21.52 -18.64
C GLY C 115 18.85 -22.71 -17.86
N GLN C 116 19.25 -23.93 -18.24
CA GLN C 116 18.68 -25.12 -17.63
C GLN C 116 19.61 -26.30 -17.64
N VAL C 117 19.29 -27.27 -16.78
CA VAL C 117 20.02 -28.51 -16.68
C VAL C 117 19.16 -29.64 -17.23
N LEU C 118 19.60 -30.21 -18.34
CA LEU C 118 18.90 -31.34 -18.94
C LEU C 118 19.51 -32.66 -18.48
N PRO C 119 18.77 -33.78 -18.60
CA PRO C 119 19.29 -35.10 -18.19
C PRO C 119 20.55 -35.58 -18.95
N THR C 120 20.84 -34.94 -20.08
CA THR C 120 22.06 -35.23 -20.86
C THR C 120 23.30 -34.48 -20.37
N ALA C 121 23.15 -33.56 -19.42
CA ALA C 121 24.28 -32.80 -18.91
C ALA C 121 25.19 -33.72 -18.12
N LYS C 122 26.44 -33.32 -17.94
CA LYS C 122 27.41 -34.09 -17.17
C LYS C 122 27.52 -33.59 -15.74
N LYS C 123 27.71 -32.29 -15.57
CA LYS C 123 28.08 -31.76 -14.27
C LYS C 123 27.67 -30.32 -14.02
N VAL C 124 27.01 -30.10 -12.89
CA VAL C 124 26.71 -28.76 -12.43
C VAL C 124 27.80 -28.27 -11.48
N THR C 125 28.20 -27.01 -11.63
CA THR C 125 29.16 -26.39 -10.73
C THR C 125 28.57 -25.15 -10.08
N TYR C 126 28.74 -25.04 -8.76
CA TYR C 126 28.29 -23.88 -8.01
C TYR C 126 29.53 -23.07 -7.63
N ASN C 127 29.44 -21.77 -7.82
CA ASN C 127 30.43 -20.86 -7.31
C ASN C 127 29.74 -19.91 -6.35
N ILE C 128 30.26 -19.83 -5.13
CA ILE C 128 29.67 -18.97 -4.10
C ILE C 128 30.73 -18.00 -3.63
N HIS C 129 30.40 -16.70 -3.63
CA HIS C 129 31.30 -15.71 -3.04
C HIS C 129 30.74 -15.12 -1.77
N ILE C 130 31.43 -15.34 -0.66
CA ILE C 130 31.01 -14.80 0.62
C ILE C 130 31.26 -13.29 0.63
N LYS C 131 30.23 -12.56 1.03
CA LYS C 131 30.27 -11.11 1.06
C LYS C 131 30.49 -10.60 2.48
N ARG C 132 29.86 -11.25 3.45
CA ARG C 132 29.90 -10.77 4.83
C ARG C 132 29.44 -11.90 5.74
N THR C 133 30.10 -12.06 6.88
CA THR C 133 29.54 -12.80 7.99
C THR C 133 29.31 -11.90 9.18
N ILE C 134 28.27 -12.21 9.94
CA ILE C 134 27.90 -11.41 11.09
C ILE C 134 27.82 -12.38 12.25
N ASN C 135 28.66 -12.14 13.27
CA ASN C 135 28.78 -13.06 14.41
C ASN C 135 28.24 -12.45 15.67
N ARG C 136 27.35 -11.48 15.52
CA ARG C 136 27.16 -10.48 16.54
C ARG C 136 26.29 -11.01 17.67
N SER C 137 25.07 -11.42 17.33
CA SER C 137 24.21 -12.14 18.27
C SER C 137 23.62 -13.35 17.56
N LEU C 138 22.81 -13.10 16.53
CA LEU C 138 22.54 -14.12 15.54
C LEU C 138 23.70 -14.20 14.57
N VAL C 139 24.09 -15.43 14.24
CA VAL C 139 25.14 -15.66 13.27
C VAL C 139 24.50 -15.82 11.90
N LEU C 140 24.95 -15.03 10.93
CA LEU C 140 24.53 -15.23 9.56
C LEU C 140 25.57 -14.86 8.54
N ALA C 141 25.36 -15.32 7.32
CA ALA C 141 26.25 -15.07 6.21
C ALA C 141 25.45 -14.55 5.05
N ILE C 142 26.12 -13.72 4.26
CA ILE C 142 25.55 -13.14 3.07
C ILE C 142 26.51 -13.42 1.93
N ALA C 143 25.97 -13.82 0.79
CA ALA C 143 26.80 -14.26 -0.31
C ALA C 143 26.13 -14.05 -1.66
N ASP C 144 26.95 -13.93 -2.70
CA ASP C 144 26.48 -14.07 -4.07
C ASP C 144 26.86 -15.45 -4.60
N GLY C 145 26.08 -15.94 -5.58
CA GLY C 145 26.29 -17.26 -6.15
C GLY C 145 25.94 -17.37 -7.63
N THR C 146 26.63 -18.27 -8.32
CA THR C 146 26.24 -18.69 -9.68
C THR C 146 26.16 -20.21 -9.81
N VAL C 147 25.28 -20.66 -10.71
CA VAL C 147 25.18 -22.04 -11.08
C VAL C 147 25.56 -22.15 -12.55
N SER C 148 26.43 -23.10 -12.86
CA SER C 148 26.84 -23.40 -14.24
C SER C 148 26.65 -24.88 -14.57
N VAL C 149 26.45 -25.17 -15.85
CA VAL C 149 26.34 -26.55 -16.30
C VAL C 149 27.27 -26.77 -17.50
N ASP C 150 28.15 -27.75 -17.40
CA ASP C 150 29.12 -28.06 -18.43
C ASP C 150 29.72 -26.81 -19.09
N GLY C 151 30.18 -25.87 -18.26
CA GLY C 151 30.95 -24.74 -18.75
C GLY C 151 30.11 -23.50 -19.02
N ARG C 152 28.78 -23.64 -18.92
CA ARG C 152 27.86 -22.54 -19.20
C ARG C 152 27.11 -22.01 -17.96
N GLU C 153 27.28 -20.73 -17.65
CA GLU C 153 26.53 -20.06 -16.56
C GLU C 153 25.02 -20.05 -16.86
N ILE C 154 24.21 -20.49 -15.91
CA ILE C 154 22.76 -20.53 -16.14
C ILE C 154 21.90 -19.84 -15.07
N TYR C 155 22.35 -19.81 -13.81
CA TYR C 155 21.65 -19.05 -12.76
C TYR C 155 22.57 -18.10 -12.05
N SER C 156 21.98 -17.01 -11.54
CA SER C 156 22.64 -16.14 -10.56
C SER C 156 21.74 -15.81 -9.37
N ALA C 157 22.36 -15.61 -8.21
CA ALA C 157 21.66 -15.11 -7.01
C ALA C 157 22.52 -14.05 -6.32
N GLU C 158 21.93 -12.93 -5.96
CA GLU C 158 22.58 -11.94 -5.11
C GLU C 158 21.96 -11.93 -3.70
N GLY C 159 22.78 -11.75 -2.68
CA GLY C 159 22.30 -11.54 -1.33
C GLY C 159 21.67 -12.80 -0.76
N LEU C 160 22.18 -13.96 -1.13
CA LEU C 160 21.83 -15.19 -0.40
C LEU C 160 22.14 -14.99 1.09
N ARG C 161 21.17 -15.30 1.96
CA ARG C 161 21.35 -15.17 3.38
C ARG C 161 21.05 -16.50 4.06
N VAL C 162 21.95 -16.97 4.93
CA VAL C 162 21.67 -18.11 5.78
C VAL C 162 22.07 -17.80 7.21
N GLY C 163 21.26 -18.24 8.18
CA GLY C 163 21.54 -18.06 9.58
C GLY C 163 21.70 -19.37 10.33
N LEU C 164 22.35 -19.31 11.49
CA LEU C 164 22.41 -20.43 12.39
C LEU C 164 21.66 -20.12 13.65
N PHE C 165 20.97 -21.10 14.19
CA PHE C 165 20.09 -20.90 15.34
C PHE C 165 20.35 -21.95 16.42
N THR C 166 20.66 -21.49 17.62
CA THR C 166 20.91 -22.41 18.72
C THR C 166 19.59 -22.84 19.38
N SER C 167 18.48 -22.20 18.98
CA SER C 167 17.11 -22.72 19.20
C SER C 167 16.19 -22.33 18.01
N THR C 168 15.72 -23.31 17.22
CA THR C 168 14.64 -23.09 16.20
C THR C 168 13.20 -23.36 16.70
N ASP C 169 13.01 -23.54 18.01
CA ASP C 169 11.66 -23.55 18.65
C ASP C 169 10.81 -22.32 18.25
N SER C 170 11.45 -21.16 18.29
CA SER C 170 10.80 -19.85 18.08
C SER C 170 10.55 -19.51 16.60
N PHE C 171 11.41 -20.06 15.72
CA PHE C 171 11.59 -19.52 14.37
C PHE C 171 10.28 -19.55 13.58
N THR D 2 -10.36 -20.03 -17.81
CA THR D 2 -10.78 -18.78 -17.12
C THR D 2 -12.10 -19.01 -16.41
N LYS D 3 -12.83 -20.06 -16.80
CA LYS D 3 -14.16 -20.28 -16.23
C LYS D 3 -14.08 -21.02 -14.90
N GLN D 4 -13.09 -21.88 -14.76
CA GLN D 4 -13.03 -22.69 -13.58
C GLN D 4 -12.12 -21.96 -12.56
N HIS D 5 -12.61 -21.75 -11.35
CA HIS D 5 -11.92 -20.90 -10.40
C HIS D 5 -11.35 -21.68 -9.23
N ALA D 6 -11.37 -23.00 -9.33
CA ALA D 6 -10.84 -23.84 -8.27
C ALA D 6 -10.47 -25.19 -8.84
N PHE D 7 -9.40 -25.77 -8.33
CA PHE D 7 -8.88 -27.01 -8.85
C PHE D 7 -8.55 -28.02 -7.73
N THR D 8 -8.97 -29.27 -7.89
CA THR D 8 -8.66 -30.31 -6.92
C THR D 8 -7.27 -30.87 -7.20
N ARG D 9 -6.76 -31.66 -6.28
CA ARG D 9 -5.52 -32.36 -6.53
C ARG D 9 -5.54 -33.15 -7.83
N GLU D 10 -6.63 -33.83 -8.10
CA GLU D 10 -6.72 -34.69 -9.28
C GLU D 10 -6.67 -33.85 -10.54
N ASP D 11 -7.15 -32.63 -10.46
CA ASP D 11 -7.00 -31.70 -11.57
C ASP D 11 -5.52 -31.33 -11.77
N LEU D 12 -4.82 -31.12 -10.67
CA LEU D 12 -3.44 -30.73 -10.74
C LEU D 12 -2.60 -31.88 -11.27
N LEU D 13 -2.90 -33.10 -10.84
CA LEU D 13 -2.25 -34.27 -11.39
C LEU D 13 -2.52 -34.39 -12.89
N ARG D 14 -3.75 -34.13 -13.30
CA ARG D 14 -4.10 -34.18 -14.74
C ARG D 14 -3.27 -33.10 -15.47
N CYS D 15 -3.19 -31.91 -14.88
CA CYS D 15 -2.31 -30.89 -15.38
C CYS D 15 -0.84 -31.38 -15.53
N SER D 16 -0.32 -32.07 -14.50
CA SER D 16 1.02 -32.60 -14.54
C SER D 16 1.24 -33.58 -15.71
N ARG D 17 0.16 -34.21 -16.19
CA ARG D 17 0.28 -35.13 -17.31
C ARG D 17 0.15 -34.42 -18.66
N GLY D 18 -0.08 -33.11 -18.65
CA GLY D 18 -0.35 -32.39 -19.91
C GLY D 18 -1.80 -32.41 -20.35
N GLU D 19 -2.67 -32.95 -19.50
CA GLU D 19 -4.04 -33.26 -19.90
C GLU D 19 -5.06 -32.24 -19.42
N LEU D 20 -4.61 -31.19 -18.76
CA LEU D 20 -5.51 -30.10 -18.39
C LEU D 20 -5.50 -29.01 -19.44
N PHE D 21 -4.31 -28.50 -19.74
CA PHE D 21 -4.15 -27.42 -20.71
C PHE D 21 -3.89 -27.89 -22.12
N GLY D 22 -3.63 -29.19 -22.30
CA GLY D 22 -3.41 -29.73 -23.65
C GLY D 22 -1.95 -29.87 -24.01
N PRO D 23 -1.69 -30.55 -25.13
CA PRO D 23 -0.31 -30.87 -25.53
C PRO D 23 0.48 -29.61 -25.96
N GLY D 24 1.74 -29.52 -25.55
CA GLY D 24 2.56 -28.34 -25.81
C GLY D 24 2.43 -27.24 -24.76
N ASN D 25 1.50 -27.39 -23.84
CA ASN D 25 1.19 -26.30 -22.90
C ASN D 25 1.56 -26.64 -21.47
N ALA D 26 1.33 -25.71 -20.55
CA ALA D 26 1.93 -25.75 -19.22
C ALA D 26 1.60 -27.04 -18.45
N GLN D 27 2.61 -27.59 -17.78
CA GLN D 27 2.49 -28.74 -16.92
C GLN D 27 3.08 -28.41 -15.56
N LEU D 28 2.31 -28.62 -14.52
CA LEU D 28 2.87 -28.64 -13.20
C LEU D 28 3.81 -29.84 -13.10
N PRO D 29 4.73 -29.79 -12.13
CA PRO D 29 5.44 -30.99 -11.73
C PRO D 29 4.49 -32.05 -11.21
N ALA D 30 4.83 -33.30 -11.43
CA ALA D 30 4.24 -34.38 -10.68
C ALA D 30 4.96 -34.53 -9.34
N PRO D 31 4.38 -35.30 -8.41
CA PRO D 31 5.07 -35.71 -7.21
C PRO D 31 6.37 -36.44 -7.56
N ASN D 32 7.46 -36.14 -6.88
CA ASN D 32 7.41 -35.47 -5.59
C ASN D 32 7.82 -34.00 -5.64
N MET D 33 7.82 -33.38 -6.81
CA MET D 33 8.13 -31.95 -6.92
C MET D 33 6.89 -31.04 -6.85
N LEU D 34 5.71 -31.62 -7.01
CA LEU D 34 4.48 -30.86 -6.91
C LEU D 34 4.26 -30.36 -5.47
N MET D 35 4.12 -29.05 -5.28
CA MET D 35 4.06 -28.49 -3.93
C MET D 35 2.73 -27.84 -3.59
N ILE D 36 1.70 -28.25 -4.34
CA ILE D 36 0.33 -27.79 -4.15
C ILE D 36 -0.60 -29.01 -4.17
N ASP D 37 -1.55 -29.05 -3.23
CA ASP D 37 -2.60 -30.06 -3.25
C ASP D 37 -3.84 -29.53 -3.96
N ARG D 38 -4.17 -28.26 -3.73
CA ARG D 38 -5.37 -27.68 -4.35
C ARG D 38 -5.27 -26.20 -4.57
N ILE D 39 -5.95 -25.72 -5.59
CA ILE D 39 -6.11 -24.31 -5.79
C ILE D 39 -7.53 -23.95 -5.39
N VAL D 40 -7.63 -23.14 -4.35
CA VAL D 40 -8.89 -22.80 -3.71
C VAL D 40 -9.54 -21.63 -4.45
N HIS D 41 -8.71 -20.78 -5.06
CA HIS D 41 -9.26 -19.61 -5.77
C HIS D 41 -8.26 -19.14 -6.80
N ILE D 42 -8.72 -18.99 -8.03
CA ILE D 42 -7.91 -18.41 -9.07
C ILE D 42 -8.79 -17.57 -9.90
N SER D 43 -8.35 -16.34 -10.15
CA SER D 43 -9.17 -15.39 -10.89
C SER D 43 -8.22 -14.48 -11.63
N ASP D 44 -8.71 -13.79 -12.65
CA ASP D 44 -7.89 -12.80 -13.34
C ASP D 44 -8.36 -11.39 -13.10
N VAL D 45 -9.32 -11.22 -12.21
CA VAL D 45 -9.62 -9.92 -11.61
C VAL D 45 -9.34 -9.98 -10.12
N GLY D 46 -9.35 -8.82 -9.48
CA GLY D 46 -9.10 -8.75 -8.03
C GLY D 46 -7.65 -8.92 -7.73
N GLY D 47 -7.34 -9.30 -6.51
CA GLY D 47 -5.97 -9.32 -6.01
C GLY D 47 -5.45 -7.96 -5.62
N LYS D 48 -4.24 -7.94 -5.08
CA LYS D 48 -3.60 -6.75 -4.57
C LYS D 48 -3.42 -5.69 -5.67
N TYR D 49 -3.28 -6.12 -6.93
CA TYR D 49 -2.98 -5.19 -8.00
C TYR D 49 -4.12 -5.07 -9.00
N GLY D 50 -5.22 -5.76 -8.74
CA GLY D 50 -6.37 -5.73 -9.67
C GLY D 50 -6.14 -6.54 -10.93
N LYS D 51 -5.10 -7.37 -10.95
CA LYS D 51 -4.77 -8.14 -12.13
C LYS D 51 -4.85 -9.64 -11.89
N GLY D 52 -5.58 -10.04 -10.85
CA GLY D 52 -5.75 -11.45 -10.53
C GLY D 52 -4.98 -11.95 -9.30
N GLU D 53 -5.30 -13.18 -8.92
CA GLU D 53 -5.00 -13.69 -7.59
C GLU D 53 -5.06 -15.21 -7.64
N LEU D 54 -4.19 -15.87 -6.89
CA LEU D 54 -4.34 -17.29 -6.63
C LEU D 54 -4.22 -17.52 -5.17
N VAL D 55 -5.09 -18.37 -4.64
CA VAL D 55 -4.93 -18.92 -3.30
C VAL D 55 -4.89 -20.44 -3.43
N ALA D 56 -3.88 -21.06 -2.83
CA ALA D 56 -3.69 -22.49 -2.94
C ALA D 56 -3.23 -23.07 -1.59
N GLU D 57 -3.31 -24.39 -1.48
CA GLU D 57 -3.02 -25.06 -0.24
C GLU D 57 -2.15 -26.29 -0.44
N LEU D 58 -1.28 -26.56 0.53
CA LEU D 58 -0.60 -27.83 0.65
C LEU D 58 -0.84 -28.38 2.02
N ASP D 59 -1.41 -29.59 2.09
CA ASP D 59 -1.61 -30.25 3.37
C ASP D 59 -0.28 -30.76 3.88
N ILE D 60 -0.10 -30.66 5.19
CA ILE D 60 1.11 -31.11 5.83
C ILE D 60 0.79 -32.30 6.76
N ASN D 61 1.63 -33.33 6.69
CA ASN D 61 1.64 -34.34 7.70
C ASN D 61 3.07 -34.81 7.82
N PRO D 62 3.38 -35.56 8.90
CA PRO D 62 4.78 -35.84 9.24
C PRO D 62 5.47 -36.79 8.27
N ASP D 63 4.70 -37.48 7.43
CA ASP D 63 5.25 -38.49 6.53
C ASP D 63 5.63 -37.94 5.15
N LEU D 64 5.35 -36.67 4.90
CA LEU D 64 5.85 -36.06 3.66
C LEU D 64 7.36 -36.31 3.51
N TRP D 65 7.77 -36.69 2.30
CA TRP D 65 9.10 -37.29 2.06
C TRP D 65 10.24 -36.37 2.49
N PHE D 66 10.07 -35.07 2.33
CA PHE D 66 11.19 -34.17 2.54
C PHE D 66 11.54 -34.06 4.03
N PHE D 67 10.63 -34.46 4.91
CA PHE D 67 10.84 -34.21 6.33
C PHE D 67 11.93 -35.09 6.86
N ALA D 68 12.02 -36.31 6.39
CA ALA D 68 12.98 -37.27 6.96
C ALA D 68 14.41 -36.92 6.58
N CYS D 69 14.62 -36.34 5.40
CA CYS D 69 15.98 -36.07 4.90
C CYS D 69 16.38 -34.62 5.06
N HIS D 70 15.50 -33.81 5.64
CA HIS D 70 15.72 -32.37 5.71
C HIS D 70 15.13 -31.77 6.99
N PHE D 71 15.86 -31.74 8.10
CA PHE D 71 17.11 -32.43 8.29
C PHE D 71 16.86 -33.60 9.26
N GLU D 72 17.74 -34.58 9.26
CA GLU D 72 17.64 -35.69 10.22
C GLU D 72 17.63 -35.10 11.61
N GLY D 73 16.59 -35.45 12.36
CA GLY D 73 16.48 -35.02 13.75
C GLY D 73 16.01 -33.59 13.90
N ASP D 74 15.79 -32.90 12.77
CA ASP D 74 15.38 -31.47 12.75
C ASP D 74 14.52 -31.22 11.52
N PRO D 75 13.34 -31.85 11.46
CA PRO D 75 12.55 -31.87 10.25
C PRO D 75 11.93 -30.51 10.01
N VAL D 76 11.99 -30.06 8.76
CA VAL D 76 11.48 -28.77 8.36
C VAL D 76 11.34 -28.70 6.85
N MET D 77 10.20 -28.21 6.38
CA MET D 77 10.00 -28.15 4.94
C MET D 77 11.02 -27.22 4.29
N PRO D 78 11.68 -27.67 3.21
CA PRO D 78 12.71 -26.85 2.59
C PRO D 78 12.13 -25.53 2.09
N GLY D 79 12.78 -24.42 2.42
CA GLY D 79 12.29 -23.13 1.96
C GLY D 79 12.17 -23.11 0.44
N CYS D 80 13.11 -23.75 -0.23
CA CYS D 80 13.16 -23.69 -1.68
C CYS D 80 11.91 -24.28 -2.31
N LEU D 81 11.25 -25.18 -1.60
CA LEU D 81 10.09 -25.87 -2.14
C LEU D 81 8.84 -25.05 -1.98
N GLY D 82 8.78 -24.27 -0.92
CA GLY D 82 7.65 -23.36 -0.72
C GLY D 82 7.75 -22.21 -1.71
N LEU D 83 8.98 -21.78 -1.93
CA LEU D 83 9.23 -20.81 -2.99
C LEU D 83 8.79 -21.40 -4.32
N ASP D 84 9.13 -22.65 -4.58
CA ASP D 84 8.82 -23.21 -5.87
C ASP D 84 7.31 -23.31 -6.09
N ALA D 85 6.57 -23.53 -5.01
CA ALA D 85 5.14 -23.59 -5.08
C ALA D 85 4.60 -22.30 -5.67
N MET D 86 5.24 -21.18 -5.33
CA MET D 86 4.79 -19.89 -5.85
C MET D 86 5.08 -19.80 -7.34
N TRP D 87 6.23 -20.29 -7.77
CA TRP D 87 6.53 -20.30 -9.20
C TRP D 87 5.56 -21.24 -9.93
N GLN D 88 5.26 -22.37 -9.29
CA GLN D 88 4.28 -23.32 -9.83
C GLN D 88 2.93 -22.62 -10.08
N LEU D 89 2.47 -21.83 -9.13
CA LEU D 89 1.19 -21.16 -9.24
C LEU D 89 1.19 -20.10 -10.34
N VAL D 90 2.29 -19.38 -10.45
CA VAL D 90 2.36 -18.34 -11.45
C VAL D 90 2.36 -18.95 -12.86
N GLY D 91 3.08 -20.04 -13.06
CA GLY D 91 3.10 -20.72 -14.34
C GLY D 91 1.72 -21.25 -14.71
N PHE D 92 1.09 -21.90 -13.75
CA PHE D 92 -0.24 -22.43 -13.92
C PHE D 92 -1.18 -21.33 -14.37
N TYR D 93 -1.08 -20.19 -13.72
CA TYR D 93 -1.89 -19.03 -14.06
C TYR D 93 -1.79 -18.71 -15.56
N LEU D 94 -0.57 -18.67 -16.07
CA LEU D 94 -0.36 -18.33 -17.49
C LEU D 94 -1.04 -19.38 -18.38
N GLY D 95 -0.98 -20.64 -17.98
CA GLY D 95 -1.63 -21.71 -18.74
C GLY D 95 -3.14 -21.59 -18.69
N TRP D 96 -3.61 -21.30 -17.49
CA TRP D 96 -5.02 -21.12 -17.20
C TRP D 96 -5.63 -19.95 -17.97
N GLN D 97 -4.83 -18.93 -18.28
CA GLN D 97 -5.31 -17.88 -19.17
C GLN D 97 -5.45 -18.33 -20.61
N GLY D 98 -4.86 -19.46 -20.99
CA GLY D 98 -4.99 -19.93 -22.38
C GLY D 98 -3.79 -19.64 -23.25
N ASN D 99 -2.71 -19.16 -22.65
CA ASN D 99 -1.45 -19.03 -23.37
C ASN D 99 -0.83 -20.39 -23.65
N PRO D 100 -0.16 -20.50 -24.80
CA PRO D 100 0.53 -21.73 -25.17
C PRO D 100 1.95 -21.81 -24.64
N GLY D 101 2.49 -23.03 -24.58
CA GLY D 101 3.92 -23.23 -24.34
C GLY D 101 4.19 -23.81 -22.96
N ARG D 102 5.40 -24.31 -22.78
CA ARG D 102 5.82 -24.94 -21.53
C ARG D 102 6.42 -23.91 -20.56
N GLY D 103 6.33 -24.19 -19.27
CA GLY D 103 6.77 -23.24 -18.24
C GLY D 103 8.25 -23.34 -17.86
N ARG D 104 8.91 -22.18 -17.73
CA ARG D 104 10.20 -22.06 -17.02
C ARG D 104 10.21 -20.82 -16.15
N ALA D 105 10.51 -21.01 -14.88
CA ALA D 105 10.73 -19.92 -13.96
C ALA D 105 11.93 -19.08 -14.42
N LEU D 106 11.85 -17.75 -14.26
CA LEU D 106 12.89 -16.85 -14.72
C LEU D 106 13.59 -16.19 -13.55
N GLY D 107 12.98 -16.25 -12.38
CA GLY D 107 13.62 -15.78 -11.16
C GLY D 107 12.68 -15.09 -10.18
N SER D 108 13.25 -14.25 -9.32
CA SER D 108 12.47 -13.39 -8.46
C SER D 108 13.32 -12.21 -8.00
N GLY D 109 12.67 -11.14 -7.59
CA GLY D 109 13.31 -10.17 -6.71
C GLY D 109 13.36 -10.72 -5.29
N GLU D 110 13.50 -9.83 -4.32
CA GLU D 110 13.66 -10.24 -2.93
C GLU D 110 12.81 -11.43 -2.49
N VAL D 111 13.49 -12.43 -1.90
CA VAL D 111 12.81 -13.49 -1.19
C VAL D 111 13.21 -13.45 0.30
N LYS D 112 12.22 -13.57 1.18
CA LYS D 112 12.52 -13.63 2.63
C LYS D 112 11.82 -14.82 3.27
N PHE D 113 12.57 -15.53 4.10
CA PHE D 113 12.05 -16.59 4.93
C PHE D 113 12.16 -16.11 6.38
N PHE D 114 11.02 -15.96 7.05
CA PHE D 114 10.99 -15.48 8.42
C PHE D 114 10.07 -16.38 9.23
N GLY D 115 10.06 -17.67 8.89
CA GLY D 115 9.35 -18.69 9.65
C GLY D 115 9.57 -20.04 8.99
N GLN D 116 8.89 -21.08 9.48
CA GLN D 116 9.12 -22.43 8.97
C GLN D 116 7.91 -23.31 9.06
N VAL D 117 7.95 -24.40 8.31
CA VAL D 117 6.89 -25.41 8.35
C VAL D 117 7.41 -26.69 9.02
N LEU D 118 6.83 -27.05 10.17
CA LEU D 118 7.22 -28.24 10.89
C LEU D 118 6.26 -29.39 10.56
N PRO D 119 6.67 -30.64 10.79
CA PRO D 119 5.81 -31.78 10.47
C PRO D 119 4.52 -31.85 11.29
N THR D 120 4.44 -31.07 12.37
CA THR D 120 3.21 -30.96 13.16
C THR D 120 2.20 -29.94 12.59
N ALA D 121 2.59 -29.19 11.56
CA ALA D 121 1.68 -28.20 10.97
C ALA D 121 0.55 -28.93 10.25
N LYS D 122 -0.55 -28.23 10.02
CA LYS D 122 -1.69 -28.80 9.31
C LYS D 122 -1.67 -28.43 7.85
N LYS D 123 -1.47 -27.15 7.55
CA LYS D 123 -1.70 -26.67 6.20
C LYS D 123 -0.89 -25.44 5.83
N VAL D 124 -0.21 -25.51 4.71
CA VAL D 124 0.39 -24.34 4.12
C VAL D 124 -0.54 -23.69 3.10
N THR D 125 -0.62 -22.37 3.13
CA THR D 125 -1.43 -21.63 2.16
C THR D 125 -0.58 -20.59 1.40
N TYR D 126 -0.74 -20.60 0.08
CA TYR D 126 -0.01 -19.68 -0.79
C TYR D 126 -0.98 -18.61 -1.26
N ASN D 127 -0.58 -17.35 -1.16
CA ASN D 127 -1.36 -16.25 -1.71
C ASN D 127 -0.47 -15.54 -2.75
N ILE D 128 -0.94 -15.48 -3.97
CA ILE D 128 -0.17 -14.95 -5.09
C ILE D 128 -0.96 -13.79 -5.64
N HIS D 129 -0.32 -12.64 -5.76
CA HIS D 129 -0.96 -11.53 -6.45
C HIS D 129 -0.26 -11.19 -7.75
N ILE D 130 -0.99 -11.33 -8.85
CA ILE D 130 -0.46 -11.06 -10.14
C ILE D 130 -0.32 -9.57 -10.32
N LYS D 131 0.86 -9.16 -10.77
CA LYS D 131 1.20 -7.77 -10.90
C LYS D 131 1.12 -7.36 -12.34
N ARG D 132 1.54 -8.24 -13.23
CA ARG D 132 1.57 -7.92 -14.65
C ARG D 132 1.69 -9.21 -15.44
N THR D 133 0.96 -9.29 -16.55
CA THR D 133 1.30 -10.24 -17.61
C THR D 133 1.72 -9.53 -18.88
N ILE D 134 2.61 -10.16 -19.61
CA ILE D 134 3.14 -9.60 -20.84
C ILE D 134 2.93 -10.67 -21.88
N ASN D 135 2.14 -10.36 -22.89
CA ASN D 135 1.78 -11.32 -23.92
C ASN D 135 2.42 -10.99 -25.27
N ARG D 136 3.49 -10.22 -25.23
CA ARG D 136 3.81 -9.34 -26.33
C ARG D 136 4.57 -10.10 -27.42
N SER D 137 5.66 -10.75 -27.05
CA SER D 137 6.31 -11.74 -27.92
C SER D 137 6.60 -13.00 -27.09
N LEU D 138 7.48 -12.90 -26.11
CA LEU D 138 7.55 -13.90 -25.05
C LEU D 138 6.44 -13.64 -24.06
N VAL D 139 5.79 -14.71 -23.61
CA VAL D 139 4.74 -14.60 -22.62
C VAL D 139 5.33 -14.79 -21.23
N LEU D 140 5.11 -13.83 -20.34
CA LEU D 140 5.51 -14.01 -18.96
C LEU D 140 4.62 -13.29 -17.97
N ALA D 141 4.75 -13.70 -16.72
CA ALA D 141 3.98 -13.12 -15.63
C ALA D 141 4.90 -12.72 -14.51
N ILE D 142 4.49 -11.67 -13.80
CA ILE D 142 5.21 -11.12 -12.67
C ILE D 142 4.24 -11.01 -11.53
N ALA D 143 4.67 -11.43 -10.36
CA ALA D 143 3.77 -11.55 -9.24
C ALA D 143 4.49 -11.41 -7.93
N ASP D 144 3.75 -10.99 -6.92
CA ASP D 144 4.19 -11.10 -5.55
C ASP D 144 3.51 -12.27 -4.90
N GLY D 145 4.18 -12.87 -3.92
CA GLY D 145 3.62 -14.04 -3.22
C GLY D 145 3.95 -14.10 -1.74
N THR D 146 3.05 -14.71 -0.97
CA THR D 146 3.37 -15.05 0.43
C THR D 146 3.04 -16.51 0.72
N VAL D 147 3.81 -17.09 1.62
CA VAL D 147 3.56 -18.43 2.11
C VAL D 147 3.19 -18.31 3.57
N SER D 148 2.10 -18.95 3.96
CA SER D 148 1.67 -18.99 5.36
C SER D 148 1.51 -20.41 5.86
N VAL D 149 1.61 -20.60 7.16
CA VAL D 149 1.36 -21.91 7.74
C VAL D 149 0.43 -21.77 8.92
N ASP D 150 -0.68 -22.49 8.88
CA ASP D 150 -1.73 -22.41 9.89
C ASP D 150 -2.00 -20.98 10.36
N GLY D 151 -2.19 -20.08 9.39
CA GLY D 151 -2.58 -18.69 9.67
C GLY D 151 -1.42 -17.69 9.73
N ARG D 152 -0.20 -18.20 9.88
CA ARG D 152 0.95 -17.34 10.11
C ARG D 152 1.78 -17.18 8.85
N GLU D 153 1.94 -15.96 8.40
CA GLU D 153 2.80 -15.63 7.28
C GLU D 153 4.28 -15.96 7.60
N ILE D 154 4.95 -16.70 6.72
CA ILE D 154 6.32 -17.07 6.99
C ILE D 154 7.33 -16.76 5.88
N TYR D 155 6.91 -16.80 4.63
CA TYR D 155 7.78 -16.33 3.53
C TYR D 155 7.12 -15.24 2.71
N SER D 156 7.96 -14.41 2.10
CA SER D 156 7.53 -13.47 1.04
C SER D 156 8.47 -13.50 -0.14
N ALA D 157 7.90 -13.26 -1.31
CA ALA D 157 8.67 -13.07 -2.54
C ALA D 157 8.08 -11.92 -3.35
N GLU D 158 8.93 -11.02 -3.80
CA GLU D 158 8.54 -9.98 -4.73
C GLU D 158 9.12 -10.28 -6.12
N GLY D 159 8.36 -10.01 -7.16
CA GLY D 159 8.87 -10.06 -8.52
C GLY D 159 9.13 -11.49 -8.97
N LEU D 160 8.33 -12.43 -8.49
CA LEU D 160 8.35 -13.76 -9.06
C LEU D 160 8.07 -13.62 -10.56
N ARG D 161 8.90 -14.28 -11.38
CA ARG D 161 8.74 -14.24 -12.82
C ARG D 161 8.68 -15.67 -13.36
N VAL D 162 7.68 -15.96 -14.19
CA VAL D 162 7.65 -17.21 -14.93
C VAL D 162 7.28 -16.96 -16.37
N GLY D 163 7.92 -17.68 -17.28
CA GLY D 163 7.62 -17.54 -18.68
C GLY D 163 7.08 -18.82 -19.28
N LEU D 164 6.43 -18.70 -20.43
CA LEU D 164 6.03 -19.85 -21.23
C LEU D 164 6.78 -19.86 -22.55
N PHE D 165 7.16 -21.06 -22.98
CA PHE D 165 8.01 -21.22 -24.14
C PHE D 165 7.47 -22.29 -25.06
N THR D 166 7.30 -21.95 -26.34
CA THR D 166 6.79 -22.93 -27.30
C THR D 166 7.95 -23.82 -27.80
N SER D 167 9.20 -23.43 -27.52
CA SER D 167 10.39 -24.29 -27.68
C SER D 167 11.39 -24.01 -26.53
N THR D 168 11.64 -25.02 -25.68
CA THR D 168 12.77 -24.99 -24.71
C THR D 168 14.09 -25.70 -25.14
N ASP D 169 14.21 -26.05 -26.43
CA ASP D 169 15.47 -26.55 -27.05
C ASP D 169 16.71 -25.68 -26.75
N SER D 170 16.51 -24.37 -26.93
CA SER D 170 17.60 -23.38 -26.89
C SER D 170 17.83 -22.90 -25.45
N PHE D 171 16.79 -23.01 -24.61
CA PHE D 171 16.69 -22.26 -23.33
C PHE D 171 17.97 -22.38 -22.47
N THR E 2 -12.31 44.57 -26.89
CA THR E 2 -11.08 44.28 -27.71
C THR E 2 -10.71 45.55 -28.50
N LYS E 3 -11.63 46.51 -28.58
CA LYS E 3 -11.42 47.69 -29.43
C LYS E 3 -10.62 48.82 -28.73
N GLN E 4 -10.71 48.89 -27.41
CA GLN E 4 -9.94 49.87 -26.65
C GLN E 4 -8.70 49.27 -25.93
N HIS E 5 -7.54 49.92 -26.01
CA HIS E 5 -6.28 49.30 -25.57
C HIS E 5 -5.60 49.99 -24.44
N ALA E 6 -6.32 50.95 -23.87
CA ALA E 6 -5.84 51.64 -22.68
C ALA E 6 -7.01 52.26 -21.92
N PHE E 7 -6.90 52.29 -20.60
CA PHE E 7 -8.05 52.66 -19.75
C PHE E 7 -7.58 53.61 -18.65
N THR E 8 -8.30 54.71 -18.47
CA THR E 8 -8.01 55.66 -17.40
C THR E 8 -8.64 55.21 -16.09
N ARG E 9 -8.27 55.85 -14.99
CA ARG E 9 -8.91 55.52 -13.73
C ARG E 9 -10.43 55.61 -13.76
N GLU E 10 -10.94 56.63 -14.43
CA GLU E 10 -12.38 56.80 -14.53
C GLU E 10 -13.02 55.62 -15.25
N ASP E 11 -12.31 55.05 -16.22
CA ASP E 11 -12.82 53.90 -16.93
C ASP E 11 -12.91 52.74 -15.97
N LEU E 12 -11.90 52.63 -15.11
CA LEU E 12 -11.84 51.50 -14.19
C LEU E 12 -12.92 51.66 -13.11
N LEU E 13 -13.15 52.90 -12.65
CA LEU E 13 -14.25 53.16 -11.74
C LEU E 13 -15.57 52.82 -12.43
N ARG E 14 -15.72 53.16 -13.69
CA ARG E 14 -16.94 52.83 -14.44
C ARG E 14 -17.07 51.31 -14.49
N CYS E 15 -15.97 50.63 -14.78
CA CYS E 15 -15.95 49.16 -14.74
C CYS E 15 -16.39 48.61 -13.39
N SER E 16 -15.90 49.24 -12.32
CA SER E 16 -16.31 48.84 -10.96
C SER E 16 -17.81 48.97 -10.72
N ARG E 17 -18.46 49.87 -11.43
CA ARG E 17 -19.91 50.06 -11.26
C ARG E 17 -20.72 49.14 -12.15
N GLY E 18 -20.04 48.30 -12.93
CA GLY E 18 -20.73 47.44 -13.89
C GLY E 18 -21.00 48.10 -15.23
N GLU E 19 -20.50 49.33 -15.42
CA GLU E 19 -20.93 50.17 -16.51
C GLU E 19 -19.95 50.14 -17.67
N LEU E 20 -18.90 49.36 -17.61
CA LEU E 20 -18.01 49.20 -18.73
C LEU E 20 -18.37 47.93 -19.52
N PHE E 21 -18.45 46.78 -18.86
CA PHE E 21 -18.77 45.51 -19.53
C PHE E 21 -20.23 45.14 -19.45
N GLY E 22 -21.01 45.91 -18.68
CA GLY E 22 -22.44 45.66 -18.57
C GLY E 22 -22.79 44.84 -17.34
N PRO E 23 -24.07 44.81 -16.98
CA PRO E 23 -24.52 44.17 -15.74
C PRO E 23 -24.38 42.65 -15.84
N GLY E 24 -23.96 42.03 -14.76
CA GLY E 24 -23.79 40.58 -14.74
C GLY E 24 -22.44 40.12 -15.28
N ASN E 25 -21.62 41.05 -15.72
CA ASN E 25 -20.34 40.74 -16.29
C ASN E 25 -19.24 41.28 -15.40
N ALA E 26 -18.00 41.13 -15.82
CA ALA E 26 -16.90 41.35 -14.92
C ALA E 26 -16.81 42.79 -14.37
N GLN E 27 -16.56 42.91 -13.09
CA GLN E 27 -16.45 44.20 -12.43
C GLN E 27 -15.15 44.14 -11.70
N LEU E 28 -14.35 45.17 -11.86
CA LEU E 28 -13.30 45.42 -10.90
C LEU E 28 -13.91 45.79 -9.55
N PRO E 29 -13.14 45.60 -8.49
CA PRO E 29 -13.50 46.19 -7.18
C PRO E 29 -13.51 47.71 -7.27
N ALA E 30 -14.36 48.33 -6.48
CA ALA E 30 -14.21 49.76 -6.18
C ALA E 30 -13.22 49.94 -5.06
N PRO E 31 -12.76 51.19 -4.87
CA PRO E 31 -11.93 51.52 -3.73
C PRO E 31 -12.69 51.15 -2.48
N ASN E 32 -12.03 50.56 -1.50
CA ASN E 32 -10.56 50.58 -1.41
C ASN E 32 -9.92 49.22 -1.75
N MET E 33 -10.64 48.34 -2.43
CA MET E 33 -10.02 47.10 -2.88
C MET E 33 -9.41 47.21 -4.28
N LEU E 34 -9.75 48.25 -5.03
CA LEU E 34 -9.21 48.45 -6.39
C LEU E 34 -7.73 48.74 -6.31
N MET E 35 -6.90 47.93 -6.98
CA MET E 35 -5.46 48.07 -6.84
C MET E 35 -4.76 48.50 -8.09
N ILE E 36 -5.50 49.14 -8.97
CA ILE E 36 -5.02 49.65 -10.24
C ILE E 36 -5.56 51.04 -10.48
N ASP E 37 -4.72 51.96 -10.96
CA ASP E 37 -5.14 53.31 -11.33
C ASP E 37 -5.38 53.44 -12.82
N ARG E 38 -4.53 52.79 -13.62
CA ARG E 38 -4.71 52.80 -15.04
C ARG E 38 -4.18 51.53 -15.71
N ILE E 39 -4.77 51.20 -16.86
CA ILE E 39 -4.23 50.18 -17.72
C ILE E 39 -3.59 50.87 -18.92
N VAL E 40 -2.29 50.68 -19.04
CA VAL E 40 -1.50 51.38 -20.03
C VAL E 40 -1.50 50.62 -21.35
N HIS E 41 -1.66 49.32 -21.29
CA HIS E 41 -1.65 48.50 -22.51
C HIS E 41 -2.39 47.20 -22.26
N ILE E 42 -3.31 46.89 -23.15
CA ILE E 42 -3.96 45.63 -23.13
C ILE E 42 -4.15 45.21 -24.55
N SER E 43 -3.78 43.97 -24.81
CA SER E 43 -3.91 43.39 -26.15
C SER E 43 -4.21 41.88 -26.02
N ASP E 44 -4.74 41.25 -27.06
CA ASP E 44 -4.93 39.80 -27.05
C ASP E 44 -3.98 39.09 -27.97
N VAL E 45 -3.02 39.82 -28.55
CA VAL E 45 -1.85 39.23 -29.19
C VAL E 45 -0.59 39.66 -28.42
N GLY E 46 0.54 39.07 -28.78
CA GLY E 46 1.80 39.45 -28.16
C GLY E 46 1.85 38.91 -26.76
N GLY E 47 2.68 39.52 -25.92
CA GLY E 47 3.00 38.96 -24.63
C GLY E 47 3.99 37.81 -24.72
N LYS E 48 4.35 37.30 -23.56
CA LYS E 48 5.36 36.27 -23.46
C LYS E 48 4.94 35.00 -24.23
N TYR E 49 3.64 34.75 -24.33
CA TYR E 49 3.18 33.47 -24.88
C TYR E 49 2.47 33.67 -26.16
N GLY E 50 2.40 34.92 -26.61
CA GLY E 50 1.67 35.22 -27.83
C GLY E 50 0.16 35.22 -27.71
N LYS E 51 -0.34 35.21 -26.48
CA LYS E 51 -1.77 35.09 -26.26
C LYS E 51 -2.29 36.28 -25.50
N GLY E 52 -1.57 37.38 -25.54
CA GLY E 52 -2.02 38.63 -24.95
C GLY E 52 -1.26 39.07 -23.72
N GLU E 53 -1.48 40.34 -23.33
CA GLU E 53 -0.63 41.03 -22.38
C GLU E 53 -1.44 42.16 -21.72
N LEU E 54 -1.17 42.45 -20.46
CA LEU E 54 -1.64 43.68 -19.85
C LEU E 54 -0.51 44.35 -19.11
N VAL E 55 -0.43 45.67 -19.24
CA VAL E 55 0.44 46.47 -18.41
C VAL E 55 -0.42 47.50 -17.72
N ALA E 56 -0.26 47.63 -16.40
CA ALA E 56 -1.08 48.55 -15.62
C ALA E 56 -0.24 49.23 -14.53
N GLU E 57 -0.76 50.31 -13.97
CA GLU E 57 -0.05 51.09 -12.99
C GLU E 57 -0.91 51.42 -11.77
N LEU E 58 -0.26 51.48 -10.60
CA LEU E 58 -0.86 52.03 -9.38
C LEU E 58 0.07 53.07 -8.81
N ASP E 59 -0.41 54.31 -8.69
CA ASP E 59 0.37 55.39 -8.10
C ASP E 59 0.44 55.19 -6.59
N ILE E 60 1.61 55.47 -6.02
CA ILE E 60 1.82 55.33 -4.58
C ILE E 60 2.00 56.70 -3.96
N ASN E 61 1.41 56.91 -2.79
CA ASN E 61 1.78 58.01 -1.95
C ASN E 61 1.56 57.56 -0.51
N PRO E 62 2.11 58.31 0.47
CA PRO E 62 2.14 57.82 1.85
C PRO E 62 0.77 57.76 2.53
N ASP E 63 -0.23 58.41 1.93
CA ASP E 63 -1.54 58.49 2.56
C ASP E 63 -2.49 57.34 2.13
N LEU E 64 -2.05 56.49 1.21
CA LEU E 64 -2.82 55.28 0.89
C LEU E 64 -3.17 54.48 2.15
N TRP E 65 -4.43 54.06 2.25
CA TRP E 65 -5.02 53.64 3.53
C TRP E 65 -4.27 52.47 4.16
N PHE E 66 -3.73 51.60 3.33
CA PHE E 66 -3.18 50.37 3.87
C PHE E 66 -1.85 50.59 4.57
N PHE E 67 -1.21 51.73 4.35
CA PHE E 67 0.08 52.00 4.99
C PHE E 67 -0.02 52.18 6.50
N ALA E 68 -1.07 52.84 6.98
CA ALA E 68 -1.20 53.17 8.39
C ALA E 68 -1.51 51.95 9.27
N CYS E 69 -2.26 51.00 8.73
CA CYS E 69 -2.68 49.81 9.51
C CYS E 69 -1.81 48.56 9.19
N HIS E 70 -0.85 48.69 8.27
CA HIS E 70 -0.04 47.55 7.81
C HIS E 70 1.42 47.94 7.51
N PHE E 71 2.31 47.90 8.50
CA PHE E 71 2.01 47.72 9.91
C PHE E 71 2.28 49.02 10.63
N GLU E 72 1.71 49.18 11.82
CA GLU E 72 1.99 50.35 12.59
C GLU E 72 3.51 50.42 12.83
N GLY E 73 4.12 51.54 12.48
CA GLY E 73 5.55 51.76 12.71
C GLY E 73 6.42 51.11 11.64
N ASP E 74 5.79 50.41 10.71
CA ASP E 74 6.52 49.63 9.69
C ASP E 74 5.62 49.53 8.47
N PRO E 75 5.39 50.67 7.79
CA PRO E 75 4.46 50.71 6.67
C PRO E 75 4.99 49.99 5.44
N VAL E 76 4.14 49.16 4.84
CA VAL E 76 4.49 48.43 3.65
C VAL E 76 3.23 47.90 2.97
N MET E 77 3.17 48.04 1.65
CA MET E 77 1.95 47.64 0.94
C MET E 77 1.78 46.15 1.10
N PRO E 78 0.59 45.68 1.46
CA PRO E 78 0.40 44.26 1.65
C PRO E 78 0.68 43.49 0.36
N GLY E 79 1.49 42.45 0.44
CA GLY E 79 1.77 41.66 -0.72
C GLY E 79 0.47 41.09 -1.32
N CYS E 80 -0.48 40.72 -0.47
CA CYS E 80 -1.72 40.15 -0.94
C CYS E 80 -2.47 41.08 -1.87
N LEU E 81 -2.27 42.39 -1.76
CA LEU E 81 -3.01 43.34 -2.56
C LEU E 81 -2.39 43.55 -3.91
N GLY E 82 -1.06 43.42 -3.98
CA GLY E 82 -0.38 43.47 -5.25
C GLY E 82 -0.63 42.21 -6.02
N LEU E 83 -0.68 41.08 -5.31
CA LEU E 83 -1.10 39.83 -5.91
C LEU E 83 -2.52 39.98 -6.42
N ASP E 84 -3.39 40.58 -5.62
CA ASP E 84 -4.77 40.71 -6.09
C ASP E 84 -4.90 41.54 -7.35
N ALA E 85 -4.04 42.54 -7.48
CA ALA E 85 -4.07 43.42 -8.67
C ALA E 85 -3.87 42.58 -9.92
N MET E 86 -3.04 41.56 -9.83
CA MET E 86 -2.83 40.70 -10.94
C MET E 86 -4.12 39.90 -11.24
N TRP E 87 -4.80 39.39 -10.21
CA TRP E 87 -6.07 38.68 -10.44
C TRP E 87 -7.10 39.64 -11.00
N GLN E 88 -7.09 40.87 -10.50
CA GLN E 88 -7.96 41.95 -11.04
C GLN E 88 -7.73 42.16 -12.56
N LEU E 89 -6.48 42.20 -12.98
CA LEU E 89 -6.21 42.38 -14.38
C LEU E 89 -6.65 41.17 -15.20
N VAL E 90 -6.48 39.95 -14.66
CA VAL E 90 -6.75 38.75 -15.46
C VAL E 90 -8.26 38.64 -15.65
N GLY E 91 -9.03 38.96 -14.61
CA GLY E 91 -10.47 39.00 -14.71
C GLY E 91 -10.92 40.05 -15.72
N PHE E 92 -10.36 41.24 -15.61
CA PHE E 92 -10.67 42.34 -16.51
C PHE E 92 -10.45 41.88 -17.95
N TYR E 93 -9.36 41.16 -18.18
CA TYR E 93 -9.03 40.68 -19.53
C TYR E 93 -10.16 39.84 -20.11
N LEU E 94 -10.70 38.93 -19.30
CA LEU E 94 -11.75 38.02 -19.71
C LEU E 94 -12.98 38.80 -20.07
N GLY E 95 -13.28 39.84 -19.30
CA GLY E 95 -14.43 40.69 -19.59
C GLY E 95 -14.22 41.48 -20.86
N TRP E 96 -13.02 42.00 -20.99
CA TRP E 96 -12.60 42.79 -22.15
C TRP E 96 -12.68 41.96 -23.43
N GLN E 97 -12.46 40.67 -23.36
CA GLN E 97 -12.68 39.82 -24.57
C GLN E 97 -14.16 39.63 -24.92
N GLY E 98 -15.07 40.03 -24.05
CA GLY E 98 -16.50 39.93 -24.38
C GLY E 98 -17.21 38.76 -23.73
N ASN E 99 -16.53 38.04 -22.85
CA ASN E 99 -17.18 36.91 -22.19
C ASN E 99 -18.13 37.41 -21.11
N PRO E 100 -19.21 36.65 -20.87
CA PRO E 100 -20.20 37.01 -19.88
C PRO E 100 -19.90 36.40 -18.52
N GLY E 101 -20.46 37.00 -17.47
CA GLY E 101 -20.42 36.43 -16.14
C GLY E 101 -19.56 37.19 -15.18
N ARG E 102 -19.73 36.88 -13.90
CA ARG E 102 -18.98 37.54 -12.84
C ARG E 102 -17.64 36.86 -12.57
N GLY E 103 -16.66 37.65 -12.14
CA GLY E 103 -15.29 37.16 -11.93
C GLY E 103 -15.11 36.56 -10.55
N ARG E 104 -14.50 35.36 -10.51
CA ARG E 104 -13.87 34.86 -9.32
C ARG E 104 -12.47 34.36 -9.66
N ALA E 105 -11.50 34.78 -8.88
CA ALA E 105 -10.19 34.14 -8.84
C ALA E 105 -10.25 32.66 -8.41
N LEU E 106 -9.45 31.78 -9.03
CA LEU E 106 -9.45 30.36 -8.73
C LEU E 106 -8.11 29.91 -8.15
N GLY E 107 -7.13 30.78 -8.22
CA GLY E 107 -5.88 30.57 -7.48
C GLY E 107 -4.64 30.95 -8.27
N SER E 108 -3.53 30.29 -7.95
CA SER E 108 -2.27 30.49 -8.64
C SER E 108 -1.32 29.36 -8.33
N GLY E 109 -0.37 29.14 -9.23
CA GLY E 109 0.82 28.32 -8.89
C GLY E 109 1.78 29.24 -8.11
N GLU E 110 3.03 28.91 -8.09
CA GLU E 110 3.99 29.65 -7.30
C GLU E 110 3.84 31.16 -7.26
N VAL E 111 3.78 31.72 -6.05
CA VAL E 111 3.88 33.15 -5.83
C VAL E 111 5.14 33.47 -5.03
N LYS E 112 5.89 34.51 -5.46
CA LYS E 112 7.10 34.93 -4.73
C LYS E 112 7.11 36.41 -4.52
N PHE E 113 7.43 36.79 -3.29
CA PHE E 113 7.64 38.17 -2.90
C PHE E 113 9.11 38.31 -2.53
N PHE E 114 9.84 39.11 -3.29
CA PHE E 114 11.25 39.29 -3.07
C PHE E 114 11.59 40.79 -3.14
N GLY E 115 10.67 41.61 -2.64
CA GLY E 115 10.86 43.03 -2.51
C GLY E 115 9.57 43.63 -1.92
N GLN E 116 9.50 44.95 -1.78
CA GLN E 116 8.37 45.57 -1.11
C GLN E 116 8.07 46.97 -1.60
N VAL E 117 6.86 47.42 -1.33
CA VAL E 117 6.44 48.78 -1.70
C VAL E 117 6.33 49.65 -0.44
N LEU E 118 7.21 50.66 -0.34
CA LEU E 118 7.23 51.55 0.81
C LEU E 118 6.45 52.82 0.46
N PRO E 119 6.08 53.61 1.49
CA PRO E 119 5.26 54.79 1.25
C PRO E 119 6.02 55.90 0.51
N THR E 120 7.34 55.75 0.40
CA THR E 120 8.13 56.65 -0.42
C THR E 120 8.16 56.34 -1.91
N ALA E 121 7.61 55.20 -2.32
CA ALA E 121 7.68 54.79 -3.73
C ALA E 121 6.78 55.70 -4.56
N LYS E 122 7.00 55.73 -5.86
CA LYS E 122 6.19 56.55 -6.77
C LYS E 122 5.12 55.76 -7.45
N LYS E 123 5.48 54.61 -8.00
CA LYS E 123 4.56 53.90 -8.88
C LYS E 123 4.80 52.39 -8.95
N VAL E 124 3.75 51.62 -8.78
CA VAL E 124 3.79 50.20 -9.01
C VAL E 124 3.28 49.85 -10.41
N THR E 125 3.96 48.92 -11.07
CA THR E 125 3.57 48.48 -12.41
C THR E 125 3.37 46.99 -12.45
N TYR E 126 2.25 46.57 -13.03
CA TYR E 126 1.92 45.17 -13.19
C TYR E 126 2.10 44.77 -14.65
N ASN E 127 2.82 43.69 -14.89
CA ASN E 127 2.93 43.09 -16.21
C ASN E 127 2.29 41.68 -16.15
N ILE E 128 1.29 41.44 -16.99
CA ILE E 128 0.54 40.18 -17.01
C ILE E 128 0.69 39.57 -18.40
N HIS E 129 1.13 38.32 -18.46
CA HIS E 129 1.18 37.58 -19.72
C HIS E 129 0.15 36.44 -19.73
N ILE E 130 -0.81 36.53 -20.63
CA ILE E 130 -1.81 35.53 -20.77
C ILE E 130 -1.19 34.31 -21.39
N LYS E 131 -1.45 33.17 -20.76
CA LYS E 131 -0.89 31.89 -21.21
C LYS E 131 -1.93 31.06 -21.95
N ARG E 132 -3.18 31.11 -21.50
CA ARG E 132 -4.21 30.29 -22.08
C ARG E 132 -5.56 30.83 -21.64
N THR E 133 -6.52 30.84 -22.55
CA THR E 133 -7.92 30.96 -22.15
C THR E 133 -8.65 29.68 -22.51
N ILE E 134 -9.64 29.34 -21.72
CA ILE E 134 -10.44 28.14 -21.93
C ILE E 134 -11.90 28.55 -21.96
N ASN E 135 -12.58 28.26 -23.07
CA ASN E 135 -13.95 28.74 -23.30
C ASN E 135 -14.94 27.60 -23.27
N ARG E 136 -14.58 26.51 -22.57
CA ARG E 136 -15.13 25.19 -22.85
C ARG E 136 -16.48 24.97 -22.18
N SER E 137 -16.50 25.06 -20.85
CA SER E 137 -17.75 25.02 -20.11
C SER E 137 -17.80 26.24 -19.20
N LEU E 138 -16.94 26.26 -18.20
CA LEU E 138 -16.59 27.53 -17.53
C LEU E 138 -15.52 28.23 -18.34
N VAL E 139 -15.63 29.55 -18.41
CA VAL E 139 -14.60 30.37 -19.05
C VAL E 139 -13.56 30.72 -18.02
N LEU E 140 -12.29 30.46 -18.32
CA LEU E 140 -11.23 30.92 -17.44
C LEU E 140 -9.99 31.27 -18.19
N ALA E 141 -9.13 31.99 -17.52
CA ALA E 141 -7.85 32.36 -18.06
C ALA E 141 -6.74 31.96 -17.12
N ILE E 142 -5.58 31.71 -17.71
CA ILE E 142 -4.38 31.37 -16.97
C ILE E 142 -3.29 32.32 -17.40
N ALA E 143 -2.51 32.83 -16.47
CA ALA E 143 -1.53 33.84 -16.77
C ALA E 143 -0.37 33.85 -15.81
N ASP E 144 0.76 34.40 -16.27
CA ASP E 144 1.86 34.72 -15.40
C ASP E 144 1.88 36.21 -15.24
N GLY E 145 2.42 36.67 -14.12
CA GLY E 145 2.45 38.08 -13.76
C GLY E 145 3.66 38.49 -12.96
N THR E 146 4.05 39.76 -13.09
CA THR E 146 5.06 40.36 -12.21
C THR E 146 4.59 41.70 -11.68
N VAL E 147 5.06 42.05 -10.50
CA VAL E 147 4.83 43.34 -9.91
C VAL E 147 6.16 44.01 -9.74
N SER E 148 6.26 45.26 -10.18
CA SER E 148 7.47 46.05 -10.06
C SER E 148 7.19 47.39 -9.38
N VAL E 149 8.21 47.96 -8.74
CA VAL E 149 8.06 49.27 -8.12
C VAL E 149 9.20 50.17 -8.53
N ASP E 150 8.87 51.32 -9.12
CA ASP E 150 9.86 52.24 -9.68
C ASP E 150 10.97 51.52 -10.47
N GLY E 151 10.58 50.59 -11.34
CA GLY E 151 11.51 49.92 -12.25
C GLY E 151 11.99 48.56 -11.74
N ARG E 152 11.83 48.30 -10.45
CA ARG E 152 12.41 47.13 -9.84
C ARG E 152 11.37 46.05 -9.64
N GLU E 153 11.60 44.90 -10.23
CA GLU E 153 10.75 43.70 -10.06
C GLU E 153 10.78 43.23 -8.61
N ILE E 154 9.62 43.06 -8.01
CA ILE E 154 9.58 42.62 -6.61
C ILE E 154 8.68 41.36 -6.31
N TYR E 155 7.60 41.15 -7.06
CA TYR E 155 6.82 39.90 -6.99
C TYR E 155 6.70 39.18 -8.32
N SER E 156 6.57 37.86 -8.25
CA SER E 156 6.16 37.05 -9.39
C SER E 156 5.05 36.08 -9.02
N ALA E 157 4.19 35.79 -9.99
CA ALA E 157 3.19 34.75 -9.86
C ALA E 157 3.13 33.93 -11.15
N GLU E 158 3.16 32.61 -11.03
CA GLU E 158 2.93 31.72 -12.17
C GLU E 158 1.54 31.08 -12.02
N GLY E 159 0.83 30.91 -13.14
CA GLY E 159 -0.40 30.15 -13.15
C GLY E 159 -1.53 30.85 -12.40
N LEU E 160 -1.56 32.16 -12.45
CA LEU E 160 -2.74 32.89 -11.99
C LEU E 160 -3.96 32.41 -12.78
N ARG E 161 -5.04 32.11 -12.09
CA ARG E 161 -6.27 31.64 -12.72
C ARG E 161 -7.41 32.50 -12.28
N VAL E 162 -8.22 32.96 -13.21
CA VAL E 162 -9.49 33.59 -12.91
C VAL E 162 -10.58 33.02 -13.79
N GLY E 163 -11.76 32.81 -13.22
CA GLY E 163 -12.90 32.31 -13.99
C GLY E 163 -14.08 33.27 -14.00
N LEU E 164 -14.96 33.10 -14.97
CA LEU E 164 -16.17 33.87 -15.04
C LEU E 164 -17.33 32.94 -14.78
N PHE E 165 -18.28 33.43 -14.01
CA PHE E 165 -19.43 32.64 -13.59
C PHE E 165 -20.74 33.36 -13.94
N THR E 166 -21.58 32.73 -14.74
CA THR E 166 -22.82 33.40 -15.11
C THR E 166 -23.85 33.53 -13.98
N SER E 167 -24.99 34.13 -14.29
CA SER E 167 -25.98 34.40 -13.24
C SER E 167 -26.68 33.12 -12.75
N THR E 168 -26.41 32.00 -13.43
CA THR E 168 -26.85 30.67 -12.95
C THR E 168 -25.82 29.88 -12.14
N ASP E 169 -24.61 30.44 -11.98
CA ASP E 169 -23.44 29.65 -11.60
C ASP E 169 -23.17 30.04 -10.15
N SER E 170 -23.70 29.23 -9.22
CA SER E 170 -23.32 29.30 -7.80
C SER E 170 -21.92 28.73 -7.56
N PHE E 171 -21.14 29.52 -6.81
CA PHE E 171 -19.86 29.11 -6.25
C PHE E 171 -19.91 28.70 -4.77
#